data_9IXS
#
_entry.id   9IXS
#
_cell.length_a   46.280
_cell.length_b   102.650
_cell.length_c   149.530
_cell.angle_alpha   90.000
_cell.angle_beta   90.000
_cell.angle_gamma   90.000
#
_symmetry.space_group_name_H-M   'P 21 21 21'
#
loop_
_entity.id
_entity.type
_entity.pdbx_description
1 polymer 'Transcriptional enhancer factor TEF-5'
2 non-polymer ~{N}-[(1~{S})-1-phenylethyl]-5-[4-(trifluoromethyl)phenyl]-3,4-dihydro-1~{H}-isoquinoline-2-carboxamide
#
_entity_poly.entity_id   1
_entity_poly.type   'polypeptide(L)'
_entity_poly.pdbx_seq_one_letter_code
;GSQDRTIASSRLRLLEYSAFMEVQRDPDTYSKHLFVHIGQTNPAFSDPPLEAVDVRQIYDKFPEKKGGLKELYEKGPPNA
FFLVKFWADLNSTIQEGPGAFYGVSSQYSSADSMTISVSTKVCSFGKQVVEKVETEYARLENGRFVYRIHRSPMCEYMIN
FIHKLKHLPEKYMMNSVLENFTILQVVTSRDSQETLLVIAFVFEVSTSEHGAQHHVYKLVKD
;
_entity_poly.pdbx_strand_id   A,B,C
#
loop_
_chem_comp.id
_chem_comp.type
_chem_comp.name
_chem_comp.formula
A1L3K non-polymer ~{N}-[(1~{S})-1-phenylethyl]-5-[4-(trifluoromethyl)phenyl]-3,4-dihydro-1~{H}-isoquinoline-2-carboxamide 'C25 H23 F3 N2 O'
#
# COMPACT_ATOMS: atom_id res chain seq x y z
N ASP A 4 31.63 26.65 -17.76
CA ASP A 4 31.43 25.83 -16.58
C ASP A 4 31.26 24.39 -16.97
N ARG A 5 31.20 24.11 -18.25
CA ARG A 5 31.12 22.72 -18.74
C ARG A 5 29.92 21.97 -18.19
N THR A 6 28.79 22.63 -18.07
CA THR A 6 27.60 22.03 -17.49
C THR A 6 26.49 22.36 -18.42
N ILE A 7 25.32 21.75 -18.37
CA ILE A 7 24.29 22.14 -19.32
C ILE A 7 23.44 23.11 -18.58
N ALA A 8 23.91 24.35 -18.53
CA ALA A 8 23.20 25.34 -17.75
C ALA A 8 23.05 26.70 -18.38
N SER A 9 22.06 27.43 -17.93
CA SER A 9 21.77 28.76 -18.40
C SER A 9 21.66 29.45 -17.11
N SER A 10 21.69 30.75 -17.08
CA SER A 10 21.69 31.42 -15.81
C SER A 10 20.46 31.07 -15.02
N ARG A 11 19.31 31.03 -15.65
CA ARG A 11 18.09 30.59 -14.99
C ARG A 11 18.01 29.13 -14.54
N LEU A 12 18.47 28.18 -15.35
CA LEU A 12 18.32 26.77 -15.01
C LEU A 12 19.48 25.85 -15.35
N ARG A 13 19.61 24.75 -14.60
CA ARG A 13 20.67 23.79 -14.83
C ARG A 13 20.11 22.40 -14.87
N LEU A 14 20.54 21.62 -15.84
CA LEU A 14 20.10 20.23 -15.92
C LEU A 14 21.11 19.38 -15.14
N LEU A 15 20.73 18.91 -13.96
CA LEU A 15 21.71 18.15 -13.18
C LEU A 15 21.84 16.72 -13.70
N GLU A 16 20.73 16.04 -13.97
CA GLU A 16 20.82 14.65 -14.41
C GLU A 16 19.66 14.32 -15.34
N TYR A 17 19.93 13.37 -16.25
CA TYR A 17 19.01 12.90 -17.27
C TYR A 17 19.21 11.40 -17.44
N SER A 18 18.12 10.62 -17.47
CA SER A 18 18.25 9.18 -17.64
C SER A 18 17.06 8.61 -18.41
N ALA A 19 17.34 7.74 -19.39
CA ALA A 19 16.29 7.04 -20.12
C ALA A 19 16.51 5.55 -19.93
N PHE A 20 15.52 4.84 -19.41
CA PHE A 20 15.77 3.49 -18.90
C PHE A 20 14.62 2.54 -19.17
N MET A 21 14.92 1.25 -18.94
CA MET A 21 13.98 0.14 -18.92
C MET A 21 14.18 -0.55 -17.59
N GLU A 22 13.09 -0.94 -16.91
CA GLU A 22 13.19 -1.60 -15.61
C GLU A 22 12.34 -2.85 -15.65
N VAL A 23 12.87 -3.95 -15.14
CA VAL A 23 12.16 -5.22 -15.14
C VAL A 23 12.21 -5.80 -13.73
N GLN A 24 11.21 -6.59 -13.38
CA GLN A 24 11.08 -7.18 -12.05
C GLN A 24 11.40 -8.66 -12.16
N ARG A 25 12.63 -9.05 -11.76
CA ARG A 25 13.04 -10.46 -11.92
C ARG A 25 12.26 -11.38 -10.97
N ASP A 26 12.16 -10.95 -9.72
CA ASP A 26 11.42 -11.67 -8.71
C ASP A 26 10.74 -10.58 -7.94
N PRO A 27 9.85 -10.93 -7.02
CA PRO A 27 9.12 -9.85 -6.37
C PRO A 27 10.07 -8.97 -5.62
N ASP A 28 11.04 -9.55 -4.95
CA ASP A 28 12.08 -8.78 -4.25
C ASP A 28 12.99 -7.92 -5.13
N THR A 29 13.39 -8.44 -6.28
CA THR A 29 14.38 -7.76 -7.10
C THR A 29 13.98 -7.16 -8.43
N TYR A 30 14.42 -5.95 -8.67
CA TYR A 30 14.14 -5.26 -9.92
C TYR A 30 15.45 -4.93 -10.67
N SER A 31 15.51 -5.15 -11.98
CA SER A 31 16.68 -4.78 -12.76
C SER A 31 16.45 -3.58 -13.67
N LYS A 32 17.33 -2.58 -13.60
CA LYS A 32 17.18 -1.37 -14.42
C LYS A 32 18.36 -1.07 -15.33
N HIS A 33 18.10 -1.05 -16.62
CA HIS A 33 19.12 -0.76 -17.62
C HIS A 33 18.92 0.65 -18.16
N LEU A 34 20.00 1.42 -18.27
CA LEU A 34 19.96 2.79 -18.76
C LEU A 34 20.38 2.88 -20.23
N PHE A 35 19.51 3.46 -21.06
CA PHE A 35 19.84 3.69 -22.45
C PHE A 35 20.86 4.83 -22.60
N VAL A 36 20.49 6.02 -22.16
CA VAL A 36 21.40 7.16 -22.12
C VAL A 36 21.43 7.71 -20.71
N HIS A 37 22.60 8.16 -20.27
CA HIS A 37 22.70 8.72 -18.93
C HIS A 37 23.55 9.98 -18.90
N ILE A 38 23.05 11.00 -18.21
CA ILE A 38 23.84 12.16 -17.81
C ILE A 38 23.76 12.24 -16.29
N GLY A 39 24.91 12.32 -15.64
CA GLY A 39 24.91 12.38 -14.19
C GLY A 39 25.31 13.74 -13.64
N GLN A 40 24.98 14.00 -12.38
CA GLN A 40 25.48 15.21 -11.75
C GLN A 40 26.99 15.08 -11.56
N THR A 41 27.75 15.94 -12.21
CA THR A 41 29.19 15.99 -12.01
C THR A 41 29.56 17.38 -11.54
N ASN A 42 30.56 17.45 -10.67
CA ASN A 42 31.10 18.73 -10.23
C ASN A 42 32.03 19.30 -11.29
N PRO A 43 31.95 20.59 -11.56
CA PRO A 43 32.91 21.21 -12.49
C PRO A 43 34.31 21.18 -11.91
N ALA A 44 35.23 20.58 -12.64
CA ALA A 44 36.64 20.55 -12.26
C ALA A 44 37.37 21.76 -12.85
N PHE A 45 38.18 22.41 -12.02
CA PHE A 45 38.93 23.57 -12.49
C PHE A 45 39.72 23.22 -13.75
N SER A 46 40.23 21.99 -13.82
CA SER A 46 41.04 21.52 -14.94
C SER A 46 40.28 21.47 -16.25
N ASP A 47 38.97 21.27 -16.18
CA ASP A 47 38.20 20.94 -17.37
C ASP A 47 38.27 22.05 -18.42
N PRO A 48 38.21 21.71 -19.70
CA PRO A 48 38.31 22.72 -20.75
C PRO A 48 36.93 23.21 -21.13
N PRO A 49 36.84 24.38 -21.78
CA PRO A 49 35.52 24.88 -22.21
C PRO A 49 34.81 23.91 -23.15
N LEU A 50 33.49 24.03 -23.19
CA LEU A 50 32.71 23.23 -24.10
C LEU A 50 32.93 23.72 -25.51
N GLU A 51 33.04 22.78 -26.45
CA GLU A 51 33.18 23.12 -27.85
C GLU A 51 31.86 23.69 -28.38
N ALA A 52 31.96 24.43 -29.48
CA ALA A 52 30.82 25.14 -30.05
C ALA A 52 30.39 24.49 -31.37
N VAL A 53 29.08 24.44 -31.58
CA VAL A 53 28.47 24.02 -32.84
C VAL A 53 27.56 25.14 -33.32
N ASP A 54 27.76 25.56 -34.57
CA ASP A 54 26.97 26.62 -35.19
C ASP A 54 25.54 26.13 -35.33
N VAL A 55 24.60 26.79 -34.65
CA VAL A 55 23.23 26.26 -34.59
C VAL A 55 22.66 26.13 -35.99
N ARG A 56 23.05 27.03 -36.89
CA ARG A 56 22.61 26.95 -38.27
C ARG A 56 22.79 25.55 -38.85
N GLN A 57 23.89 24.87 -38.49
CA GLN A 57 24.22 23.57 -39.08
C GLN A 57 23.32 22.44 -38.60
N ILE A 58 22.49 22.65 -37.57
CA ILE A 58 21.60 21.60 -37.07
C ILE A 58 20.13 22.01 -37.19
N TYR A 59 19.85 23.20 -37.73
CA TYR A 59 18.49 23.70 -37.91
C TYR A 59 17.54 22.64 -38.46
N ASP A 60 17.92 22.03 -39.58
CA ASP A 60 17.00 21.14 -40.32
C ASP A 60 16.75 19.82 -39.63
N LYS A 61 17.62 19.40 -38.72
CA LYS A 61 17.34 18.20 -37.93
C LYS A 61 16.19 18.42 -36.94
N PHE A 62 15.63 19.62 -36.89
CA PHE A 62 14.53 19.92 -35.98
C PHE A 62 13.51 20.73 -36.76
N PRO A 63 12.25 20.69 -36.33
CA PRO A 63 11.20 21.35 -37.13
C PRO A 63 11.48 22.84 -37.26
N GLU A 64 10.91 23.47 -38.31
CA GLU A 64 11.46 24.75 -38.77
C GLU A 64 10.68 25.95 -38.23
N LYS A 65 9.37 25.96 -38.39
CA LYS A 65 8.59 27.18 -38.18
C LYS A 65 8.71 27.72 -36.76
N LYS A 66 8.21 26.94 -35.80
CA LYS A 66 7.92 27.30 -34.42
C LYS A 66 8.33 26.13 -33.53
N GLY A 67 8.76 26.47 -32.33
CA GLY A 67 9.37 25.47 -31.46
C GLY A 67 10.58 24.96 -32.18
N GLY A 68 11.06 25.75 -33.13
CA GLY A 68 12.13 25.37 -34.02
C GLY A 68 13.36 26.17 -33.65
N LEU A 69 14.51 25.47 -33.71
CA LEU A 69 15.75 26.05 -33.20
C LEU A 69 15.91 27.50 -33.61
N LYS A 70 15.79 27.79 -34.91
CA LYS A 70 16.08 29.14 -35.38
C LYS A 70 15.30 30.16 -34.59
N GLU A 71 14.02 29.87 -34.36
CA GLU A 71 13.15 30.84 -33.72
C GLU A 71 13.44 30.93 -32.23
N LEU A 72 13.57 29.78 -31.60
CA LEU A 72 13.95 29.79 -30.20
C LEU A 72 15.23 30.58 -30.01
N TYR A 73 16.24 30.29 -30.84
CA TYR A 73 17.55 30.92 -30.66
C TYR A 73 17.48 32.43 -30.90
N GLU A 74 16.62 32.87 -31.83
CA GLU A 74 16.38 34.29 -31.99
C GLU A 74 15.72 34.87 -30.73
N LYS A 75 14.71 34.18 -30.18
CA LYS A 75 14.13 34.60 -28.92
C LYS A 75 15.16 34.58 -27.81
N GLY A 76 16.18 33.71 -27.94
CA GLY A 76 17.22 33.58 -26.94
C GLY A 76 16.61 33.13 -25.62
N PRO A 77 17.38 33.27 -24.52
CA PRO A 77 18.78 33.72 -24.43
C PRO A 77 19.78 32.71 -24.97
N PRO A 78 20.75 33.18 -25.76
CA PRO A 78 21.66 32.26 -26.47
C PRO A 78 22.58 31.46 -25.56
N ASN A 79 22.79 31.87 -24.29
CA ASN A 79 23.51 31.04 -23.34
C ASN A 79 22.73 29.79 -22.92
N ALA A 80 21.44 29.69 -23.24
CA ALA A 80 20.63 28.55 -22.82
C ALA A 80 20.71 27.35 -23.76
N PHE A 81 21.35 27.47 -24.92
CA PHE A 81 21.22 26.48 -25.97
C PHE A 81 22.43 25.56 -26.02
N PHE A 82 22.17 24.27 -25.94
CA PHE A 82 23.20 23.25 -25.83
C PHE A 82 22.91 22.13 -26.82
N LEU A 83 23.94 21.36 -27.14
CA LEU A 83 23.81 20.16 -27.95
C LEU A 83 24.40 19.00 -27.15
N VAL A 84 23.74 17.85 -27.21
CA VAL A 84 24.18 16.68 -26.47
C VAL A 84 24.16 15.50 -27.41
N LYS A 85 25.29 14.82 -27.49
CA LYS A 85 25.42 13.61 -28.29
C LYS A 85 25.48 12.40 -27.36
N PHE A 86 24.45 11.56 -27.41
CA PHE A 86 24.44 10.32 -26.64
C PHE A 86 24.97 9.17 -27.48
N TRP A 87 25.78 8.33 -26.85
CA TRP A 87 26.06 6.99 -27.33
C TRP A 87 25.18 6.06 -26.49
N ALA A 88 24.09 5.56 -27.09
CA ALA A 88 23.14 4.78 -26.33
C ALA A 88 23.65 3.36 -26.15
N ASP A 89 23.52 2.85 -24.93
CA ASP A 89 23.70 1.43 -24.63
C ASP A 89 22.43 0.71 -25.07
N LEU A 90 22.50 -0.06 -26.15
CA LEU A 90 21.37 -0.83 -26.64
C LEU A 90 21.49 -2.32 -26.31
N ASN A 91 22.34 -2.67 -25.34
CA ASN A 91 22.53 -4.05 -24.90
C ASN A 91 21.93 -4.20 -23.50
N SER A 92 20.66 -4.59 -23.42
CA SER A 92 20.03 -4.87 -22.14
C SER A 92 20.18 -6.33 -21.79
N GLU A 96 14.19 -9.66 -20.70
CA GLU A 96 13.24 -8.82 -21.41
C GLU A 96 11.87 -9.50 -21.53
N GLY A 97 10.81 -8.71 -21.63
CA GLY A 97 9.48 -9.26 -21.79
C GLY A 97 8.38 -8.22 -21.88
N PRO A 98 7.14 -8.68 -22.01
CA PRO A 98 6.00 -7.76 -22.05
C PRO A 98 5.94 -6.90 -20.80
N GLY A 99 5.56 -5.63 -20.98
CA GLY A 99 5.23 -4.79 -19.85
C GLY A 99 6.37 -4.55 -18.87
N ALA A 100 7.61 -4.48 -19.35
CA ALA A 100 8.63 -3.77 -18.59
C ALA A 100 8.36 -2.28 -18.71
N PHE A 101 8.72 -1.53 -17.66
CA PHE A 101 8.42 -0.09 -17.64
C PHE A 101 9.53 0.70 -18.33
N TYR A 102 9.14 1.63 -19.20
CA TYR A 102 10.10 2.47 -19.91
C TYR A 102 9.87 3.91 -19.45
N GLY A 103 10.87 4.48 -18.77
CA GLY A 103 10.71 5.81 -18.22
C GLY A 103 11.90 6.70 -18.54
N VAL A 104 11.70 7.99 -18.26
CA VAL A 104 12.75 8.99 -18.37
C VAL A 104 12.76 9.77 -17.06
N SER A 105 13.93 9.85 -16.44
CA SER A 105 14.10 10.48 -15.13
C SER A 105 15.16 11.57 -15.20
N SER A 106 14.75 12.80 -14.89
CA SER A 106 15.63 13.96 -14.93
C SER A 106 15.47 14.82 -13.69
N GLN A 107 16.47 15.67 -13.45
CA GLN A 107 16.49 16.64 -12.36
C GLN A 107 17.12 17.95 -12.83
N TYR A 108 16.57 19.06 -12.33
CA TYR A 108 17.03 20.39 -12.67
C TYR A 108 17.29 21.20 -11.40
N SER A 109 18.13 22.23 -11.50
CA SER A 109 18.40 23.12 -10.38
C SER A 109 18.27 24.56 -10.82
N SER A 110 17.88 25.43 -9.88
CA SER A 110 17.71 26.85 -10.17
C SER A 110 18.03 27.65 -8.92
N ALA A 111 18.34 28.93 -9.12
CA ALA A 111 18.46 29.86 -8.01
C ALA A 111 17.12 30.47 -7.62
N ASP A 112 16.15 30.41 -8.53
CA ASP A 112 14.78 30.84 -8.31
C ASP A 112 13.84 29.66 -8.21
N SER A 113 12.64 29.96 -7.71
CA SER A 113 11.50 29.07 -7.68
C SER A 113 10.52 29.48 -8.78
N MET A 114 10.38 28.64 -9.80
CA MET A 114 9.32 28.84 -10.77
C MET A 114 8.58 27.53 -10.94
N THR A 115 7.50 27.61 -11.71
CA THR A 115 6.90 26.44 -12.32
C THR A 115 7.51 26.36 -13.70
N ILE A 116 8.18 25.25 -14.00
CA ILE A 116 8.82 25.04 -15.30
C ILE A 116 7.94 24.07 -16.10
N SER A 117 7.81 24.32 -17.41
CA SER A 117 7.15 23.41 -18.33
C SER A 117 8.20 22.82 -19.27
N VAL A 118 8.16 21.50 -19.45
CA VAL A 118 9.20 20.77 -20.17
C VAL A 118 8.57 20.16 -21.41
N SER A 119 8.90 20.71 -22.59
CA SER A 119 8.46 20.15 -23.86
C SER A 119 9.55 19.24 -24.40
N THR A 120 9.15 18.08 -24.90
CA THR A 120 10.09 17.10 -25.47
C THR A 120 9.51 16.61 -26.79
N LYS A 121 10.12 17.03 -27.90
CA LYS A 121 9.67 16.67 -29.24
C LYS A 121 10.55 15.53 -29.75
N VAL A 122 9.94 14.36 -29.99
CA VAL A 122 10.63 13.34 -30.75
C VAL A 122 10.52 13.66 -32.24
N CYS A 123 11.66 13.67 -32.94
CA CYS A 123 11.72 14.07 -34.34
C CYS A 123 12.35 12.99 -35.21
N SER A 124 11.76 12.78 -36.39
CA SER A 124 12.32 11.93 -37.41
C SER A 124 12.48 12.76 -38.67
N PHE A 125 13.68 12.72 -39.25
CA PHE A 125 14.00 13.45 -40.47
C PHE A 125 13.62 14.93 -40.36
N GLY A 126 13.82 15.48 -39.16
CA GLY A 126 13.47 16.86 -38.90
C GLY A 126 11.99 17.12 -38.70
N LYS A 127 11.12 16.15 -38.96
CA LYS A 127 9.69 16.27 -38.75
C LYS A 127 9.37 15.71 -37.38
N GLN A 128 8.54 16.41 -36.60
CA GLN A 128 8.24 15.92 -35.26
C GLN A 128 7.15 14.85 -35.33
N VAL A 129 7.39 13.74 -34.65
CA VAL A 129 6.40 12.68 -34.60
C VAL A 129 5.55 12.79 -33.33
N VAL A 130 6.07 13.40 -32.26
CA VAL A 130 5.30 13.56 -31.03
C VAL A 130 5.98 14.60 -30.14
N GLU A 131 5.19 15.23 -29.27
CA GLU A 131 5.65 16.16 -28.24
C GLU A 131 5.03 15.74 -26.91
N LYS A 132 5.86 15.53 -25.90
CA LYS A 132 5.35 15.46 -24.55
C LYS A 132 5.42 16.86 -23.95
N VAL A 133 4.59 17.09 -22.94
CA VAL A 133 4.67 18.30 -22.13
C VAL A 133 4.47 17.92 -20.67
N GLU A 134 5.42 18.29 -19.83
CA GLU A 134 5.42 18.00 -18.40
C GLU A 134 5.57 19.31 -17.64
N THR A 135 4.83 19.44 -16.54
CA THR A 135 5.01 20.54 -15.60
C THR A 135 5.69 20.00 -14.35
N GLU A 136 6.69 20.73 -13.87
CA GLU A 136 7.41 20.33 -12.67
C GLU A 136 7.61 21.52 -11.75
N TYR A 137 7.58 21.23 -10.46
CA TYR A 137 7.53 22.26 -9.45
C TYR A 137 8.83 22.28 -8.67
N ALA A 138 9.11 23.41 -8.03
CA ALA A 138 10.35 23.56 -7.31
C ALA A 138 10.33 23.01 -5.95
N ARG A 139 11.46 22.47 -5.54
CA ARG A 139 11.61 21.97 -4.21
C ARG A 139 12.91 22.58 -3.76
N LEU A 140 13.10 22.82 -2.47
CA LEU A 140 14.29 23.51 -2.03
C LEU A 140 15.30 22.68 -1.32
N GLU A 141 16.53 22.68 -1.82
CA GLU A 141 17.61 22.02 -1.13
C GLU A 141 18.92 22.64 -1.44
N ASN A 142 19.90 22.59 -0.55
CA ASN A 142 21.25 23.00 -0.92
C ASN A 142 21.44 24.35 -1.52
N GLY A 143 20.79 25.35 -0.99
CA GLY A 143 21.03 26.67 -1.50
C GLY A 143 20.70 26.70 -2.94
N ARG A 144 19.66 25.97 -3.30
CA ARG A 144 19.21 26.00 -4.65
C ARG A 144 17.86 25.38 -4.66
N PHE A 145 17.10 25.65 -5.70
CA PHE A 145 15.82 24.96 -5.85
C PHE A 145 16.06 23.86 -6.87
N VAL A 146 15.54 22.66 -6.60
CA VAL A 146 15.64 21.58 -7.56
C VAL A 146 14.23 21.19 -8.04
N TYR A 147 14.17 20.65 -9.26
CA TYR A 147 12.95 20.15 -9.91
C TYR A 147 13.20 18.71 -10.33
N ARG A 148 12.33 17.81 -9.90
CA ARG A 148 12.53 16.38 -10.13
C ARG A 148 11.44 15.83 -11.02
N ILE A 149 11.82 15.05 -12.01
CA ILE A 149 10.87 14.35 -12.86
C ILE A 149 11.16 12.87 -12.68
N HIS A 150 10.27 12.18 -11.95
CA HIS A 150 10.48 10.80 -11.54
C HIS A 150 9.72 9.86 -12.46
N ARG A 151 10.44 8.93 -13.08
CA ARG A 151 9.85 7.83 -13.82
C ARG A 151 8.75 8.33 -14.78
N SER A 152 9.03 9.44 -15.46
CA SER A 152 8.13 9.92 -16.50
C SER A 152 8.02 8.86 -17.61
N PRO A 153 6.81 8.50 -18.05
CA PRO A 153 6.68 7.39 -18.99
C PRO A 153 7.33 7.72 -20.31
N MET A 154 7.90 6.72 -20.94
CA MET A 154 8.29 6.86 -22.32
C MET A 154 7.05 6.73 -23.19
N CYS A 155 6.94 7.58 -24.21
CA CYS A 155 5.90 7.34 -25.20
C CYS A 155 6.14 6.01 -25.92
N GLU A 156 5.10 5.50 -26.56
CA GLU A 156 5.20 4.20 -27.21
C GLU A 156 5.95 4.25 -28.51
N TYR A 157 5.86 5.36 -29.21
CA TYR A 157 6.70 5.50 -30.39
C TYR A 157 8.11 5.08 -30.05
N MET A 158 8.68 5.75 -29.04
CA MET A 158 10.04 5.48 -28.62
C MET A 158 10.22 4.06 -28.11
N ILE A 159 9.19 3.47 -27.50
CA ILE A 159 9.32 2.07 -27.09
C ILE A 159 9.46 1.19 -28.32
N ASN A 160 8.61 1.40 -29.33
CA ASN A 160 8.70 0.63 -30.57
C ASN A 160 10.02 0.88 -31.26
N PHE A 161 10.46 2.13 -31.27
CA PHE A 161 11.71 2.48 -31.92
C PHE A 161 12.87 1.74 -31.29
N ILE A 162 12.97 1.77 -29.96
CA ILE A 162 14.10 1.12 -29.28
C ILE A 162 14.11 -0.38 -29.57
N HIS A 163 12.94 -1.03 -29.48
CA HIS A 163 12.86 -2.47 -29.72
C HIS A 163 13.25 -2.80 -31.14
N LYS A 164 12.65 -2.12 -32.10
CA LYS A 164 12.95 -2.44 -33.48
C LYS A 164 14.37 -2.02 -33.83
N LEU A 165 14.84 -0.91 -33.28
CA LEU A 165 16.23 -0.53 -33.48
C LEU A 165 17.17 -1.60 -32.95
N LYS A 166 16.86 -2.17 -31.78
CA LYS A 166 17.66 -3.28 -31.25
C LYS A 166 17.56 -4.52 -32.12
N HIS A 167 16.46 -4.69 -32.88
CA HIS A 167 16.33 -5.86 -33.73
C HIS A 167 17.37 -5.87 -34.86
N LEU A 168 17.83 -4.69 -35.30
CA LEU A 168 18.64 -4.61 -36.50
C LEU A 168 19.91 -5.43 -36.32
N PRO A 169 20.37 -6.13 -37.37
CA PRO A 169 21.48 -7.08 -37.21
C PRO A 169 22.83 -6.44 -36.92
N GLU A 170 23.06 -5.20 -37.32
CA GLU A 170 24.39 -4.61 -37.22
C GLU A 170 24.31 -3.19 -36.68
N LYS A 171 25.36 -2.81 -35.96
CA LYS A 171 25.37 -1.50 -35.34
C LYS A 171 25.45 -0.39 -36.38
N TYR A 172 26.18 -0.60 -37.47
CA TYR A 172 26.30 0.47 -38.45
C TYR A 172 24.97 0.82 -39.07
N MET A 173 24.07 -0.16 -39.15
CA MET A 173 22.68 0.09 -39.54
C MET A 173 22.00 0.98 -38.52
N MET A 174 22.05 0.58 -37.25
CA MET A 174 21.52 1.39 -36.16
C MET A 174 21.92 2.85 -36.33
N ASN A 175 23.22 3.10 -36.52
CA ASN A 175 23.70 4.47 -36.67
C ASN A 175 23.15 5.14 -37.91
N SER A 176 22.95 4.36 -38.98
CA SER A 176 22.31 4.88 -40.18
C SER A 176 20.89 5.37 -39.88
N VAL A 177 20.11 4.57 -39.14
CA VAL A 177 18.78 5.01 -38.72
C VAL A 177 18.88 6.23 -37.81
N LEU A 178 19.82 6.20 -36.85
CA LEU A 178 19.88 7.24 -35.83
C LEU A 178 20.19 8.61 -36.42
N GLU A 179 20.88 8.67 -37.57
CA GLU A 179 21.31 9.93 -38.16
C GLU A 179 20.18 10.90 -38.50
N ASN A 180 18.94 10.44 -38.54
CA ASN A 180 17.81 11.34 -38.72
C ASN A 180 16.82 11.14 -37.59
N PHE A 181 17.36 10.82 -36.42
CA PHE A 181 16.60 10.76 -35.17
C PHE A 181 17.14 11.85 -34.25
N THR A 182 16.27 12.75 -33.81
CA THR A 182 16.64 13.79 -32.86
C THR A 182 15.58 13.89 -31.79
N ILE A 183 15.94 14.50 -30.67
CA ILE A 183 14.95 14.93 -29.69
C ILE A 183 15.30 16.35 -29.30
N LEU A 184 14.33 17.25 -29.40
CA LEU A 184 14.54 18.64 -29.00
C LEU A 184 13.78 18.88 -27.71
N GLN A 185 14.48 19.33 -26.68
CA GLN A 185 13.86 19.60 -25.38
C GLN A 185 13.95 21.08 -25.06
N VAL A 186 12.81 21.67 -24.72
CA VAL A 186 12.72 23.08 -24.37
C VAL A 186 12.04 23.18 -23.02
N VAL A 187 12.72 23.77 -22.05
CA VAL A 187 12.20 23.98 -20.71
C VAL A 187 11.91 25.47 -20.59
N THR A 188 10.65 25.82 -20.38
CA THR A 188 10.28 27.20 -20.21
C THR A 188 9.82 27.44 -18.77
N SER A 189 9.76 28.71 -18.37
CA SER A 189 8.95 29.08 -17.22
C SER A 189 7.49 29.08 -17.67
N ARG A 190 6.60 28.52 -16.84
CA ARG A 190 5.30 28.14 -17.38
C ARG A 190 4.44 29.35 -17.68
N ASP A 191 4.37 30.30 -16.74
CA ASP A 191 3.55 31.48 -16.94
C ASP A 191 4.25 32.53 -17.80
N SER A 192 5.58 32.67 -17.64
CA SER A 192 6.35 33.56 -18.50
C SER A 192 6.34 33.08 -19.95
N GLN A 193 6.46 31.78 -20.15
CA GLN A 193 6.91 31.17 -21.41
C GLN A 193 8.31 31.63 -21.78
N GLU A 194 9.03 32.26 -20.85
CA GLU A 194 10.44 32.54 -21.05
C GLU A 194 11.21 31.23 -21.15
N THR A 195 12.20 31.19 -22.03
CA THR A 195 13.00 29.99 -22.22
C THR A 195 14.10 29.94 -21.18
N LEU A 196 14.17 28.84 -20.43
CA LEU A 196 15.22 28.67 -19.44
C LEU A 196 16.36 27.81 -19.95
N LEU A 197 16.06 26.83 -20.80
CA LEU A 197 17.05 25.84 -21.23
C LEU A 197 16.56 25.08 -22.45
N VAL A 198 17.38 25.01 -23.50
CA VAL A 198 17.07 24.24 -24.71
C VAL A 198 18.22 23.29 -24.95
N ILE A 199 17.89 22.01 -25.12
CA ILE A 199 18.88 20.98 -25.38
C ILE A 199 18.47 20.24 -26.64
N ALA A 200 19.31 20.29 -27.65
CA ALA A 200 19.14 19.42 -28.80
C ALA A 200 19.87 18.11 -28.52
N PHE A 201 19.28 17.01 -28.96
CA PHE A 201 19.83 15.68 -28.70
C PHE A 201 20.07 14.96 -30.00
N VAL A 202 21.26 14.43 -30.18
CA VAL A 202 21.51 13.53 -31.29
C VAL A 202 22.12 12.25 -30.73
N PHE A 203 22.04 11.18 -31.53
CA PHE A 203 22.33 9.86 -31.00
C PHE A 203 23.23 9.07 -31.94
N GLU A 204 23.97 8.13 -31.35
CA GLU A 204 24.75 7.13 -32.03
C GLU A 204 24.65 5.86 -31.19
N VAL A 205 24.72 4.69 -31.82
CA VAL A 205 24.81 3.49 -31.01
C VAL A 205 26.27 3.30 -30.61
N SER A 206 26.47 2.90 -29.35
CA SER A 206 27.81 2.58 -28.84
C SER A 206 28.33 1.33 -29.55
N THR A 207 29.27 1.51 -30.49
CA THR A 207 29.95 0.36 -31.09
C THR A 207 30.86 -0.33 -30.08
N SER A 208 31.53 0.41 -29.21
CA SER A 208 32.13 -0.23 -28.05
C SER A 208 31.06 -0.85 -27.16
N GLU A 209 31.49 -1.85 -26.40
CA GLU A 209 30.69 -2.31 -25.27
C GLU A 209 30.96 -1.44 -24.04
N HIS A 210 31.62 -0.29 -24.25
CA HIS A 210 31.94 0.61 -23.14
C HIS A 210 30.68 1.11 -22.44
N GLY A 211 29.53 1.09 -23.10
CA GLY A 211 28.26 1.48 -22.50
C GLY A 211 27.80 2.87 -22.92
N ALA A 212 26.89 3.42 -22.13
CA ALA A 212 26.36 4.75 -22.37
C ALA A 212 27.43 5.83 -22.24
N GLN A 213 27.52 6.71 -23.23
CA GLN A 213 28.43 7.86 -23.19
C GLN A 213 27.67 9.09 -23.65
N HIS A 214 28.22 10.27 -23.36
CA HIS A 214 27.65 11.48 -23.92
C HIS A 214 28.74 12.50 -24.16
N HIS A 215 28.38 13.59 -24.86
CA HIS A 215 29.30 14.68 -25.14
C HIS A 215 28.48 15.97 -25.27
N VAL A 216 28.94 17.05 -24.65
CA VAL A 216 28.18 18.29 -24.58
C VAL A 216 28.89 19.38 -25.36
N TYR A 217 28.13 20.10 -26.19
CA TYR A 217 28.64 21.24 -26.94
C TYR A 217 27.73 22.44 -26.72
N LYS A 218 28.33 23.62 -26.65
CA LYS A 218 27.55 24.85 -26.64
C LYS A 218 27.11 25.20 -28.07
N LEU A 219 25.87 25.70 -28.19
CA LEU A 219 25.30 26.16 -29.46
C LEU A 219 25.49 27.66 -29.63
N VAL A 220 25.98 28.07 -30.81
CA VAL A 220 26.35 29.46 -31.03
C VAL A 220 25.91 29.87 -32.43
N LYS A 221 25.83 31.21 -32.61
CA LYS A 221 25.39 31.87 -33.85
C LYS A 221 26.34 33.04 -34.10
N ASP A 222 27.58 32.71 -34.47
CA ASP A 222 28.60 33.71 -34.79
C ASP A 222 28.25 34.39 -36.10
N GLY B 1 -7.31 -10.94 9.48
CA GLY B 1 -6.67 -11.30 8.27
C GLY B 1 -6.85 -10.08 7.48
N SER B 2 -6.74 -10.18 6.17
CA SER B 2 -6.78 -8.95 5.40
C SER B 2 -8.06 -8.18 5.67
N GLN B 3 -8.04 -6.88 5.43
CA GLN B 3 -9.22 -6.02 5.54
C GLN B 3 -8.85 -4.77 4.73
N ASP B 4 -8.79 -4.90 3.42
CA ASP B 4 -8.35 -3.81 2.55
C ASP B 4 -9.54 -3.00 2.08
N ARG B 5 -9.40 -1.67 2.11
CA ARG B 5 -10.54 -0.77 2.01
C ARG B 5 -10.05 0.60 1.59
N THR B 6 -10.71 1.20 0.59
CA THR B 6 -10.23 2.49 0.09
C THR B 6 -10.27 3.53 1.20
N ILE B 7 -9.26 4.39 1.21
CA ILE B 7 -9.15 5.45 2.19
C ILE B 7 -9.33 6.78 1.46
N ALA B 8 -10.49 7.40 1.64
CA ALA B 8 -10.72 8.72 1.08
C ALA B 8 -11.68 9.50 1.96
N SER B 9 -11.40 10.79 2.13
CA SER B 9 -12.40 11.73 2.60
C SER B 9 -13.20 12.22 1.40
N SER B 10 -13.95 13.29 1.59
CA SER B 10 -14.62 13.92 0.44
C SER B 10 -13.67 14.81 -0.35
N ARG B 11 -12.52 15.19 0.22
CA ARG B 11 -11.59 16.06 -0.49
C ARG B 11 -10.33 15.33 -0.97
N LEU B 12 -9.94 14.22 -0.36
CA LEU B 12 -8.70 13.59 -0.77
C LEU B 12 -8.81 12.07 -0.66
N ARG B 13 -8.04 11.39 -1.51
CA ARG B 13 -7.97 9.93 -1.53
C ARG B 13 -6.51 9.49 -1.44
N LEU B 14 -6.29 8.37 -0.76
CA LEU B 14 -4.99 7.73 -0.72
C LEU B 14 -4.98 6.59 -1.73
N LEU B 15 -3.99 6.62 -2.64
CA LEU B 15 -3.84 5.61 -3.70
C LEU B 15 -2.83 4.53 -3.38
N GLU B 16 -1.73 4.87 -2.71
CA GLU B 16 -0.82 3.83 -2.26
C GLU B 16 0.07 4.39 -1.17
N TYR B 17 0.59 3.49 -0.34
CA TYR B 17 1.52 3.83 0.74
C TYR B 17 2.52 2.71 0.91
N SER B 18 3.81 3.06 0.92
CA SER B 18 4.85 2.04 0.99
C SER B 18 6.01 2.56 1.81
N ALA B 19 6.40 1.79 2.82
CA ALA B 19 7.67 1.97 3.51
C ALA B 19 8.55 0.78 3.20
N PHE B 20 9.77 1.03 2.73
CA PHE B 20 10.55 -0.02 2.12
C PHE B 20 12.03 0.21 2.41
N MET B 21 12.80 -0.89 2.32
CA MET B 21 14.25 -0.87 2.45
C MET B 21 14.85 -1.42 1.16
N GLU B 22 15.74 -0.63 0.54
CA GLU B 22 16.25 -0.90 -0.79
C GLU B 22 17.77 -0.92 -0.81
N VAL B 23 18.34 -2.01 -1.34
CA VAL B 23 19.79 -2.21 -1.38
C VAL B 23 20.17 -2.61 -2.81
N GLN B 24 21.29 -2.08 -3.31
CA GLN B 24 21.76 -2.38 -4.66
C GLN B 24 22.57 -3.66 -4.62
N ARG B 25 22.23 -4.60 -5.48
CA ARG B 25 22.87 -5.92 -5.46
C ARG B 25 24.01 -6.00 -6.46
N ASP B 26 23.96 -5.20 -7.51
CA ASP B 26 25.01 -5.02 -8.51
C ASP B 26 24.58 -3.79 -9.31
N PRO B 27 25.35 -3.32 -10.31
CA PRO B 27 24.98 -2.03 -10.92
C PRO B 27 23.63 -2.05 -11.62
N ASP B 28 23.13 -3.22 -12.01
CA ASP B 28 21.86 -3.35 -12.71
C ASP B 28 20.69 -3.69 -11.79
N THR B 29 20.89 -4.57 -10.81
CA THR B 29 19.82 -5.15 -10.03
C THR B 29 19.89 -4.69 -8.59
N TYR B 30 18.72 -4.41 -8.02
CA TYR B 30 18.57 -4.03 -6.63
C TYR B 30 17.37 -4.76 -6.05
N SER B 31 17.42 -4.98 -4.74
CA SER B 31 16.33 -5.61 -3.99
C SER B 31 15.55 -4.55 -3.24
N LYS B 32 14.22 -4.61 -3.33
CA LYS B 32 13.35 -3.79 -2.50
C LYS B 32 12.55 -4.68 -1.56
N HIS B 33 12.58 -4.36 -0.27
CA HIS B 33 11.77 -5.05 0.73
C HIS B 33 10.80 -4.05 1.35
N LEU B 34 9.53 -4.42 1.41
CA LEU B 34 8.49 -3.52 1.92
C LEU B 34 8.07 -3.96 3.31
N PHE B 35 8.22 -3.06 4.28
CA PHE B 35 7.73 -3.31 5.63
C PHE B 35 6.20 -3.25 5.67
N VAL B 36 5.63 -2.15 5.18
CA VAL B 36 4.19 -2.04 5.01
C VAL B 36 3.93 -1.61 3.56
N HIS B 37 2.70 -1.90 3.10
CA HIS B 37 2.26 -1.52 1.75
C HIS B 37 0.75 -1.62 1.64
N ILE B 38 0.08 -0.47 1.50
CA ILE B 38 -1.34 -0.40 1.06
C ILE B 38 -1.30 0.10 -0.38
N GLY B 39 -1.54 -0.78 -1.34
CA GLY B 39 -1.61 -0.29 -2.71
C GLY B 39 -2.64 -0.99 -3.58
N GLN B 40 -3.47 -0.23 -4.30
CA GLN B 40 -4.36 -0.84 -5.29
C GLN B 40 -3.89 -0.42 -6.67
N SER B 46 -14.63 1.86 -5.10
CA SER B 46 -14.92 2.27 -3.73
C SER B 46 -15.31 1.13 -2.81
N ASP B 47 -14.48 0.86 -1.81
CA ASP B 47 -14.77 -0.16 -0.81
C ASP B 47 -14.52 0.60 0.43
N PRO B 48 -15.45 1.48 0.78
CA PRO B 48 -15.27 2.32 1.95
C PRO B 48 -15.24 1.44 3.15
N PRO B 49 -14.47 1.81 4.16
CA PRO B 49 -14.41 0.85 5.25
C PRO B 49 -15.76 0.65 5.90
N LEU B 50 -16.13 -0.59 6.14
CA LEU B 50 -17.39 -0.90 6.81
C LEU B 50 -17.19 -1.21 8.25
N GLU B 51 -15.95 -1.12 8.70
CA GLU B 51 -15.62 -1.45 10.07
C GLU B 51 -15.16 -0.20 10.75
N ALA B 52 -15.53 -0.03 11.99
CA ALA B 52 -15.19 1.20 12.66
C ALA B 52 -14.60 1.10 14.05
N VAL B 53 -13.89 2.13 14.46
CA VAL B 53 -13.33 2.23 15.81
C VAL B 53 -13.63 3.63 16.33
N ASP B 54 -14.11 3.71 17.58
CA ASP B 54 -14.35 5.02 18.17
C ASP B 54 -13.02 5.72 18.43
N VAL B 55 -12.89 6.96 17.92
CA VAL B 55 -11.61 7.66 17.98
C VAL B 55 -11.18 7.92 19.42
N ARG B 56 -12.15 8.07 20.31
CA ARG B 56 -11.86 8.21 21.72
C ARG B 56 -11.05 7.03 22.26
N GLN B 57 -11.25 5.83 21.70
CA GLN B 57 -10.46 4.71 22.18
C GLN B 57 -9.01 4.75 21.70
N ILE B 58 -8.63 5.71 20.87
CA ILE B 58 -7.29 5.77 20.32
C ILE B 58 -6.52 7.01 20.81
N TYR B 59 -7.14 7.80 21.71
CA TYR B 59 -6.59 9.09 22.14
C TYR B 59 -5.27 8.93 22.89
N ASP B 60 -5.13 7.86 23.68
CA ASP B 60 -3.91 7.61 24.42
C ASP B 60 -2.76 7.24 23.50
N LYS B 61 -3.05 6.70 22.31
CA LYS B 61 -2.00 6.26 21.40
C LYS B 61 -1.31 7.41 20.67
N PHE B 62 -1.89 8.60 20.63
CA PHE B 62 -1.35 9.71 19.86
C PHE B 62 -1.26 10.96 20.70
N PRO B 63 -0.43 11.93 20.31
CA PRO B 63 -0.27 13.12 21.16
C PRO B 63 -1.58 13.88 21.24
N GLU B 64 -1.75 14.62 22.35
CA GLU B 64 -3.07 15.07 22.77
C GLU B 64 -3.33 16.56 22.63
N LYS B 65 -2.59 17.41 23.34
CA LYS B 65 -3.09 18.74 23.66
C LYS B 65 -3.28 19.62 22.41
N LYS B 66 -2.26 19.74 21.56
CA LYS B 66 -2.40 20.55 20.35
C LYS B 66 -2.04 19.73 19.12
N GLY B 67 -2.85 19.88 18.07
CA GLY B 67 -2.68 19.08 16.87
C GLY B 67 -2.86 17.63 17.24
N GLY B 68 -3.53 17.44 18.37
CA GLY B 68 -3.80 16.10 18.83
C GLY B 68 -4.99 15.51 18.13
N LEU B 69 -5.15 14.20 18.33
CA LEU B 69 -6.23 13.50 17.65
C LEU B 69 -7.60 14.07 18.02
N LYS B 70 -7.82 14.39 19.30
CA LYS B 70 -9.13 14.85 19.75
C LYS B 70 -9.45 16.23 19.21
N GLU B 71 -8.48 17.14 19.31
CA GLU B 71 -8.66 18.48 18.75
C GLU B 71 -8.80 18.44 17.23
N LEU B 72 -8.08 17.53 16.56
CA LEU B 72 -8.29 17.37 15.12
C LEU B 72 -9.67 16.84 14.83
N TYR B 73 -10.12 15.84 15.59
CA TYR B 73 -11.46 15.31 15.34
C TYR B 73 -12.52 16.36 15.63
N GLU B 74 -12.30 17.21 16.63
CA GLU B 74 -13.26 18.29 16.86
C GLU B 74 -13.29 19.26 15.67
N LYS B 75 -12.12 19.57 15.09
CA LYS B 75 -12.08 20.42 13.91
C LYS B 75 -12.78 19.74 12.73
N GLY B 76 -12.67 18.44 12.61
CA GLY B 76 -13.25 17.77 11.47
C GLY B 76 -12.32 17.90 10.29
N PRO B 77 -12.78 17.52 9.10
CA PRO B 77 -14.07 16.85 8.98
C PRO B 77 -14.00 15.41 9.39
N PRO B 78 -15.10 14.85 9.88
CA PRO B 78 -15.17 13.47 10.39
C PRO B 78 -14.86 12.48 9.30
N ASN B 79 -15.28 12.75 8.09
CA ASN B 79 -15.14 11.82 7.00
C ASN B 79 -13.67 11.51 6.75
N ALA B 80 -12.81 12.48 6.90
CA ALA B 80 -11.38 12.29 6.68
C ALA B 80 -10.63 11.30 7.57
N PHE B 81 -10.92 11.24 8.85
CA PHE B 81 -10.16 10.38 9.78
C PHE B 81 -10.24 8.88 9.56
N PHE B 82 -9.10 8.21 9.62
CA PHE B 82 -9.02 6.78 9.37
C PHE B 82 -8.00 6.10 10.27
N LEU B 83 -8.17 4.80 10.51
CA LEU B 83 -7.21 4.04 11.29
C LEU B 83 -6.72 2.85 10.51
N VAL B 84 -5.41 2.76 10.32
CA VAL B 84 -4.82 1.64 9.61
C VAL B 84 -3.96 0.87 10.59
N LYS B 85 -4.25 -0.41 10.79
CA LYS B 85 -3.29 -1.27 11.49
C LYS B 85 -2.46 -2.02 10.46
N PHE B 86 -1.15 -2.06 10.68
CA PHE B 86 -0.24 -2.85 9.87
C PHE B 86 0.27 -4.06 10.63
N TRP B 87 0.49 -5.13 9.89
CA TRP B 87 1.34 -6.22 10.33
C TRP B 87 2.57 -6.17 9.44
N ALA B 88 3.71 -5.83 10.00
CA ALA B 88 4.85 -5.41 9.20
C ALA B 88 5.80 -6.58 8.95
N ASP B 89 6.28 -6.66 7.71
CA ASP B 89 7.26 -7.67 7.28
C ASP B 89 8.65 -7.18 7.67
N LEU B 90 9.21 -7.70 8.76
CA LEU B 90 10.60 -7.45 9.11
C LEU B 90 11.51 -8.60 8.69
N ASN B 91 11.04 -9.47 7.81
CA ASN B 91 11.83 -10.63 7.43
C ASN B 91 12.92 -10.22 6.47
N GLY B 97 21.80 -4.16 4.34
CA GLY B 97 23.11 -3.99 3.76
C GLY B 97 23.81 -2.70 4.17
N PRO B 98 25.14 -2.70 4.15
CA PRO B 98 25.90 -1.45 3.99
C PRO B 98 25.37 -0.66 2.81
N GLY B 99 24.91 0.56 3.08
CA GLY B 99 24.27 1.30 2.02
C GLY B 99 22.89 0.79 1.62
N ALA B 100 22.06 0.47 2.61
CA ALA B 100 20.64 0.30 2.35
C ALA B 100 19.95 1.65 2.40
N PHE B 101 18.91 1.81 1.58
CA PHE B 101 18.12 3.02 1.55
C PHE B 101 16.75 2.78 2.18
N TYR B 102 16.34 3.65 3.10
CA TYR B 102 15.10 3.50 3.86
C TYR B 102 14.11 4.59 3.46
N GLY B 103 13.11 4.24 2.64
CA GLY B 103 12.22 5.23 2.08
C GLY B 103 10.75 4.95 2.30
N VAL B 104 9.95 6.00 2.05
CA VAL B 104 8.49 5.99 2.19
C VAL B 104 7.89 6.65 0.96
N SER B 105 7.02 5.92 0.25
CA SER B 105 6.32 6.45 -0.92
C SER B 105 4.82 6.40 -0.74
N SER B 106 4.17 7.56 -0.90
CA SER B 106 2.73 7.66 -0.89
C SER B 106 2.24 8.42 -2.11
N GLN B 107 0.98 8.15 -2.48
CA GLN B 107 0.31 8.74 -3.64
C GLN B 107 -1.10 9.10 -3.22
N TYR B 108 -1.57 10.28 -3.64
CA TYR B 108 -2.88 10.82 -3.28
C TYR B 108 -3.59 11.34 -4.51
N SER B 109 -4.91 11.53 -4.39
CA SER B 109 -5.77 11.95 -5.49
C SER B 109 -6.85 12.91 -4.99
N SER B 110 -7.23 13.86 -5.84
CA SER B 110 -8.45 14.64 -5.67
C SER B 110 -8.90 15.14 -7.03
N ALA B 111 -10.19 15.46 -7.11
CA ALA B 111 -10.72 16.13 -8.29
C ALA B 111 -10.35 17.59 -8.27
N ASP B 112 -10.24 18.16 -7.07
CA ASP B 112 -9.73 19.51 -6.88
C ASP B 112 -8.26 19.59 -7.32
N SER B 113 -7.76 20.82 -7.52
CA SER B 113 -6.32 21.09 -7.53
C SER B 113 -5.96 21.92 -6.31
N MET B 114 -5.18 21.33 -5.40
CA MET B 114 -4.79 22.04 -4.19
C MET B 114 -3.32 21.74 -3.91
N THR B 115 -2.69 22.58 -3.09
CA THR B 115 -1.31 22.35 -2.63
C THR B 115 -1.38 21.69 -1.26
N ILE B 116 -0.85 20.46 -1.12
CA ILE B 116 -1.10 19.69 0.10
C ILE B 116 0.12 19.66 1.01
N SER B 117 -0.12 19.65 2.32
CA SER B 117 0.90 19.61 3.37
C SER B 117 0.74 18.34 4.18
N VAL B 118 1.72 17.45 4.11
CA VAL B 118 1.61 16.12 4.68
C VAL B 118 2.50 16.03 5.92
N SER B 119 1.87 16.15 7.09
CA SER B 119 2.53 15.98 8.38
C SER B 119 2.55 14.50 8.75
N THR B 120 3.73 13.99 9.07
CA THR B 120 3.90 12.63 9.56
C THR B 120 4.54 12.69 10.95
N LYS B 121 3.83 12.21 11.96
CA LYS B 121 4.36 12.22 13.32
C LYS B 121 4.64 10.81 13.79
N VAL B 122 5.90 10.54 14.11
CA VAL B 122 6.30 9.28 14.74
C VAL B 122 6.19 9.45 16.25
N CYS B 123 5.52 8.51 16.90
CA CYS B 123 5.24 8.63 18.32
C CYS B 123 5.65 7.36 19.05
N SER B 124 6.28 7.56 20.22
CA SER B 124 6.57 6.48 21.15
C SER B 124 5.76 6.69 22.42
N PHE B 125 5.03 5.64 22.84
CA PHE B 125 4.09 5.72 23.96
C PHE B 125 3.22 6.97 23.87
N GLY B 126 2.68 7.22 22.67
CA GLY B 126 1.78 8.35 22.50
C GLY B 126 2.42 9.72 22.59
N LYS B 127 3.75 9.84 22.56
CA LYS B 127 4.38 11.15 22.56
C LYS B 127 5.16 11.27 21.25
N GLN B 128 5.23 12.50 20.72
CA GLN B 128 5.82 12.73 19.39
C GLN B 128 7.33 12.79 19.48
N VAL B 129 8.01 11.75 18.97
CA VAL B 129 9.46 11.80 18.83
C VAL B 129 9.87 12.82 17.76
N VAL B 130 9.36 12.66 16.54
CA VAL B 130 9.78 13.43 15.36
C VAL B 130 8.54 13.80 14.54
N GLU B 131 8.66 14.86 13.76
CA GLU B 131 7.65 15.21 12.76
C GLU B 131 8.33 15.75 11.51
N LYS B 132 7.81 15.35 10.36
CA LYS B 132 8.25 15.88 9.08
C LYS B 132 7.05 16.48 8.36
N VAL B 133 7.30 17.57 7.61
CA VAL B 133 6.27 18.39 6.95
C VAL B 133 6.67 18.52 5.50
N GLU B 134 5.91 17.89 4.60
CA GLU B 134 6.24 17.82 3.18
C GLU B 134 5.22 18.64 2.39
N THR B 135 5.67 19.34 1.36
CA THR B 135 4.76 20.03 0.45
C THR B 135 4.79 19.30 -0.87
N GLU B 136 3.62 19.06 -1.44
CA GLU B 136 3.50 18.27 -2.65
C GLU B 136 2.37 18.83 -3.50
N TYR B 137 2.60 18.85 -4.82
CA TYR B 137 1.83 19.63 -5.77
C TYR B 137 0.98 18.74 -6.67
N ALA B 138 -0.15 19.29 -7.12
CA ALA B 138 -1.14 18.56 -7.90
C ALA B 138 -0.72 18.45 -9.36
N ARG B 139 -0.93 17.27 -9.94
CA ARG B 139 -0.67 17.01 -11.34
C ARG B 139 -1.93 16.46 -11.99
N LEU B 140 -2.45 17.16 -12.99
CA LEU B 140 -3.62 16.67 -13.73
C LEU B 140 -3.22 15.51 -14.63
N GLU B 141 -3.65 14.30 -14.26
CA GLU B 141 -3.64 13.12 -15.12
C GLU B 141 -5.05 12.51 -15.15
N ASN B 142 -5.60 12.35 -16.36
CA ASN B 142 -6.88 11.65 -16.57
C ASN B 142 -8.05 12.32 -15.88
N GLY B 143 -8.07 13.65 -15.88
CA GLY B 143 -9.14 14.40 -15.24
C GLY B 143 -9.10 14.38 -13.73
N ARG B 144 -8.14 13.69 -13.14
CA ARG B 144 -7.95 13.68 -11.69
C ARG B 144 -6.60 14.34 -11.39
N PHE B 145 -6.48 14.93 -10.23
CA PHE B 145 -5.21 15.50 -9.84
C PHE B 145 -4.52 14.51 -8.94
N VAL B 146 -3.27 14.22 -9.22
CA VAL B 146 -2.55 13.23 -8.49
C VAL B 146 -1.41 13.87 -7.74
N TYR B 147 -1.27 13.54 -6.46
CA TYR B 147 -0.18 14.04 -5.69
C TYR B 147 0.72 12.88 -5.32
N ARG B 148 2.00 12.99 -5.60
CA ARG B 148 2.95 11.93 -5.29
C ARG B 148 4.14 12.30 -4.44
N ILE B 149 4.44 11.51 -3.41
CA ILE B 149 5.64 11.74 -2.63
C ILE B 149 6.46 10.55 -2.97
N HIS B 150 7.69 10.78 -3.41
CA HIS B 150 8.51 9.69 -3.88
C HIS B 150 9.76 9.44 -3.07
N ARG B 151 9.96 8.21 -2.68
CA ARG B 151 11.13 7.85 -1.92
C ARG B 151 11.50 8.83 -0.84
N SER B 152 10.53 9.27 -0.06
CA SER B 152 10.83 10.10 1.09
C SER B 152 11.80 9.37 2.01
N PRO B 153 12.95 9.98 2.35
CA PRO B 153 13.95 9.27 3.16
C PRO B 153 13.50 9.14 4.60
N MET B 154 13.77 7.98 5.19
CA MET B 154 13.35 7.73 6.56
C MET B 154 14.29 8.43 7.54
N CYS B 155 13.71 8.95 8.61
CA CYS B 155 14.48 9.59 9.66
C CYS B 155 15.41 8.59 10.33
N GLU B 156 16.48 9.10 10.93
CA GLU B 156 17.41 8.20 11.59
C GLU B 156 16.76 7.53 12.78
N TYR B 157 15.83 8.22 13.44
CA TYR B 157 15.10 7.61 14.55
C TYR B 157 14.49 6.29 14.11
N MET B 158 13.86 6.28 12.94
CA MET B 158 13.17 5.09 12.48
C MET B 158 14.12 4.02 11.97
N ILE B 159 15.22 4.42 11.33
CA ILE B 159 16.18 3.41 10.88
C ILE B 159 16.73 2.65 12.08
N ASN B 160 17.09 3.39 13.14
CA ASN B 160 17.58 2.74 14.36
C ASN B 160 16.50 1.85 14.98
N PHE B 161 15.30 2.40 15.20
CA PHE B 161 14.19 1.59 15.66
C PHE B 161 14.13 0.26 14.90
N ILE B 162 14.13 0.32 13.56
CA ILE B 162 14.00 -0.89 12.75
C ILE B 162 15.16 -1.84 13.04
N HIS B 163 16.38 -1.30 13.04
CA HIS B 163 17.55 -2.10 13.44
C HIS B 163 17.32 -2.74 14.80
N LYS B 164 16.85 -1.96 15.79
CA LYS B 164 16.67 -2.51 17.14
C LYS B 164 15.60 -3.60 17.18
N LEU B 165 14.53 -3.47 16.40
CA LEU B 165 13.56 -4.56 16.34
C LEU B 165 14.21 -5.83 15.81
N LYS B 166 15.00 -5.70 14.73
CA LYS B 166 15.74 -6.83 14.17
C LYS B 166 16.74 -7.40 15.17
N HIS B 167 17.14 -6.63 16.18
CA HIS B 167 18.00 -7.11 17.26
C HIS B 167 17.32 -8.17 18.11
N LEU B 168 16.00 -8.09 18.24
CA LEU B 168 15.27 -8.88 19.20
C LEU B 168 15.20 -10.33 18.76
N PRO B 169 15.43 -11.30 19.65
CA PRO B 169 15.50 -12.70 19.22
C PRO B 169 14.16 -13.32 18.87
N GLU B 170 13.07 -12.97 19.57
CA GLU B 170 11.79 -13.60 19.35
C GLU B 170 10.76 -12.55 18.94
N LYS B 171 9.72 -13.01 18.20
CA LYS B 171 8.79 -12.09 17.54
C LYS B 171 7.83 -11.43 18.52
N TYR B 172 7.46 -12.14 19.60
CA TYR B 172 6.60 -11.50 20.59
C TYR B 172 7.24 -10.23 21.14
N MET B 173 8.57 -10.24 21.29
CA MET B 173 9.24 -9.03 21.73
C MET B 173 9.04 -7.90 20.71
N MET B 174 9.07 -8.24 19.41
CA MET B 174 8.88 -7.20 18.40
C MET B 174 7.44 -6.66 18.45
N ASN B 175 6.47 -7.51 18.81
CA ASN B 175 5.12 -6.99 18.93
C ASN B 175 5.03 -6.02 20.09
N SER B 176 5.63 -6.38 21.23
CA SER B 176 5.59 -5.49 22.38
C SER B 176 6.22 -4.14 22.06
N VAL B 177 7.39 -4.13 21.42
CA VAL B 177 8.00 -2.84 21.12
C VAL B 177 7.13 -2.07 20.13
N LEU B 178 6.54 -2.77 19.16
CA LEU B 178 5.66 -2.07 18.21
C LEU B 178 4.36 -1.61 18.88
N GLU B 179 3.90 -2.30 19.93
CA GLU B 179 2.64 -1.96 20.58
C GLU B 179 2.64 -0.53 21.11
N ASN B 180 3.79 0.11 21.20
CA ASN B 180 3.89 1.48 21.71
C ASN B 180 4.21 2.47 20.62
N PHE B 181 4.40 1.99 19.40
CA PHE B 181 4.84 2.77 18.28
C PHE B 181 3.61 3.11 17.43
N THR B 182 3.40 4.40 17.15
CA THR B 182 2.24 4.85 16.37
C THR B 182 2.64 6.01 15.49
N ILE B 183 2.08 6.06 14.28
CA ILE B 183 2.33 7.17 13.37
C ILE B 183 1.01 7.84 13.03
N LEU B 184 0.97 9.16 13.13
CA LEU B 184 -0.21 9.92 12.79
C LEU B 184 0.11 10.82 11.61
N GLN B 185 -0.56 10.59 10.49
CA GLN B 185 -0.45 11.44 9.32
C GLN B 185 -1.68 12.31 9.21
N VAL B 186 -1.47 13.62 9.12
CA VAL B 186 -2.53 14.58 8.86
C VAL B 186 -2.17 15.33 7.59
N VAL B 187 -3.03 15.23 6.59
CA VAL B 187 -2.85 15.94 5.33
C VAL B 187 -3.84 17.08 5.27
N THR B 188 -3.33 18.28 4.99
CA THR B 188 -4.11 19.51 5.02
C THR B 188 -3.85 20.36 3.78
N SER B 189 -4.89 21.01 3.28
CA SER B 189 -4.73 21.97 2.19
C SER B 189 -3.91 23.16 2.66
N ARG B 190 -2.77 23.41 2.06
CA ARG B 190 -1.92 24.51 2.50
C ARG B 190 -2.63 25.85 2.47
N ASP B 191 -3.56 26.02 1.55
CA ASP B 191 -4.27 27.29 1.43
C ASP B 191 -5.48 27.35 2.36
N SER B 192 -6.40 26.38 2.24
CA SER B 192 -7.59 26.33 3.09
C SER B 192 -7.22 26.16 4.56
N GLN B 193 -6.10 25.49 4.84
CA GLN B 193 -5.77 24.92 6.14
C GLN B 193 -6.81 23.88 6.58
N GLU B 194 -7.66 23.42 5.65
CA GLU B 194 -8.67 22.42 5.97
C GLU B 194 -8.02 21.05 6.03
N THR B 195 -8.56 20.20 6.91
CA THR B 195 -8.05 18.85 7.07
C THR B 195 -8.61 17.99 5.93
N LEU B 196 -7.72 17.49 5.07
CA LEU B 196 -8.19 16.67 3.96
C LEU B 196 -8.22 15.20 4.28
N LEU B 197 -7.19 14.68 4.96
CA LEU B 197 -7.18 13.27 5.32
C LEU B 197 -6.28 13.09 6.53
N VAL B 198 -6.75 12.34 7.52
CA VAL B 198 -5.98 11.98 8.71
C VAL B 198 -5.93 10.47 8.78
N ILE B 199 -4.74 9.89 8.95
CA ILE B 199 -4.61 8.46 9.18
C ILE B 199 -3.82 8.24 10.46
N ALA B 200 -4.37 7.42 11.35
CA ALA B 200 -3.68 6.97 12.56
C ALA B 200 -3.19 5.56 12.29
N PHE B 201 -1.87 5.39 12.27
CA PHE B 201 -1.28 4.08 12.04
C PHE B 201 -0.91 3.42 13.36
N VAL B 202 -1.26 2.15 13.51
CA VAL B 202 -0.78 1.34 14.61
C VAL B 202 -0.24 0.04 14.02
N PHE B 203 0.58 -0.66 14.78
CA PHE B 203 1.43 -1.67 14.17
C PHE B 203 1.48 -2.95 14.98
N GLU B 204 1.99 -3.98 14.32
CA GLU B 204 2.34 -5.27 14.90
C GLU B 204 3.27 -5.95 13.90
N VAL B 205 3.80 -7.10 14.29
CA VAL B 205 4.79 -7.76 13.46
C VAL B 205 4.15 -8.94 12.71
N SER B 206 4.46 -9.05 11.43
CA SER B 206 3.91 -10.10 10.58
C SER B 206 4.39 -11.48 11.01
N THR B 207 3.46 -12.40 11.21
CA THR B 207 3.83 -13.74 11.69
C THR B 207 4.53 -14.54 10.60
N SER B 208 3.85 -14.79 9.48
CA SER B 208 4.39 -15.63 8.44
C SER B 208 4.71 -14.84 7.18
N GLY B 211 3.97 -12.08 3.58
CA GLY B 211 4.25 -10.66 3.57
C GLY B 211 3.50 -9.91 4.65
N ALA B 212 3.28 -8.63 4.43
CA ALA B 212 2.55 -7.83 5.37
C ALA B 212 1.05 -7.92 5.21
N GLN B 213 0.32 -7.52 6.24
CA GLN B 213 -1.11 -7.48 6.14
C GLN B 213 -1.57 -6.16 6.75
N HIS B 214 -2.71 -5.63 6.30
CA HIS B 214 -3.13 -4.33 6.81
C HIS B 214 -4.62 -4.25 7.11
N HIS B 215 -4.99 -3.41 8.07
CA HIS B 215 -6.38 -3.28 8.46
C HIS B 215 -6.88 -1.87 8.22
N VAL B 216 -8.03 -1.74 7.56
CA VAL B 216 -8.59 -0.41 7.32
C VAL B 216 -9.88 -0.22 8.11
N TYR B 217 -9.91 0.81 8.94
CA TYR B 217 -11.10 1.11 9.69
C TYR B 217 -11.40 2.57 9.61
N LYS B 218 -12.66 2.93 9.77
CA LYS B 218 -13.02 4.34 9.81
C LYS B 218 -13.07 4.81 11.23
N LEU B 219 -12.50 5.97 11.48
CA LEU B 219 -12.48 6.53 12.83
C LEU B 219 -13.78 7.29 13.06
N VAL B 220 -14.60 6.78 13.96
CA VAL B 220 -15.89 7.38 14.24
C VAL B 220 -15.83 7.95 15.64
N LYS B 221 -16.63 8.99 15.87
CA LYS B 221 -17.08 9.37 17.20
C LYS B 221 -18.58 9.09 17.25
N ASP B 222 -19.02 8.38 18.28
CA ASP B 222 -20.43 7.97 18.46
C ASP B 222 -21.18 7.68 17.15
N GLY C 1 -5.70 -8.97 9.79
CA GLY C 1 -4.81 -9.96 10.33
C GLY C 1 -5.57 -10.41 11.51
N SER C 2 -4.91 -11.02 12.47
CA SER C 2 -5.68 -11.57 13.56
C SER C 2 -5.90 -10.68 14.74
N GLN C 3 -7.16 -10.50 15.11
CA GLN C 3 -7.50 -9.64 16.22
C GLN C 3 -8.32 -10.34 17.29
N ASP C 4 -7.67 -11.11 18.15
CA ASP C 4 -8.41 -11.72 19.24
C ASP C 4 -8.92 -10.70 20.21
N ARG C 5 -10.16 -10.85 20.62
CA ARG C 5 -10.77 -9.93 21.55
C ARG C 5 -11.65 -10.75 22.43
N THR C 6 -11.91 -10.28 23.62
CA THR C 6 -12.84 -10.98 24.47
C THR C 6 -14.22 -10.89 23.87
N ILE C 7 -14.99 -11.97 23.94
CA ILE C 7 -16.36 -11.88 23.50
C ILE C 7 -17.13 -12.10 24.76
N ALA C 8 -17.94 -11.13 25.14
CA ALA C 8 -18.71 -11.25 26.35
C ALA C 8 -19.91 -10.35 26.38
N SER C 9 -20.89 -10.67 27.22
CA SER C 9 -22.04 -9.82 27.38
C SER C 9 -22.02 -9.37 28.80
N SER C 10 -23.10 -8.80 29.26
CA SER C 10 -23.15 -8.51 30.69
C SER C 10 -23.34 -9.77 31.52
N ARG C 11 -23.89 -10.85 30.93
CA ARG C 11 -24.23 -12.05 31.68
C ARG C 11 -23.38 -13.27 31.35
N LEU C 12 -22.59 -13.24 30.27
CA LEU C 12 -21.90 -14.46 29.86
C LEU C 12 -20.68 -14.14 29.00
N ARG C 13 -19.63 -14.96 29.15
CA ARG C 13 -18.40 -14.76 28.41
C ARG C 13 -18.02 -16.07 27.72
N LEU C 14 -17.46 -15.94 26.52
CA LEU C 14 -17.00 -17.09 25.75
C LEU C 14 -15.52 -17.28 26.02
N LEU C 15 -15.17 -18.38 26.66
CA LEU C 15 -13.77 -18.62 26.98
C LEU C 15 -13.06 -19.29 25.83
N GLU C 16 -13.76 -20.19 25.12
CA GLU C 16 -13.16 -20.88 23.98
C GLU C 16 -14.22 -21.41 23.04
N TYR C 17 -13.80 -21.54 21.78
CA TYR C 17 -14.57 -22.11 20.71
C TYR C 17 -13.53 -22.81 19.84
N SER C 18 -13.79 -24.07 19.48
CA SER C 18 -12.83 -24.85 18.70
C SER C 18 -13.52 -25.85 17.78
N ALA C 19 -13.11 -25.85 16.51
CA ALA C 19 -13.55 -26.84 15.54
C ALA C 19 -12.34 -27.65 15.13
N PHE C 20 -12.44 -28.97 15.19
CA PHE C 20 -11.25 -29.78 15.03
C PHE C 20 -11.59 -31.14 14.47
N MET C 21 -10.57 -31.80 13.96
CA MET C 21 -10.60 -33.23 13.75
C MET C 21 -9.40 -33.86 14.44
N GLU C 22 -9.62 -34.99 15.07
CA GLU C 22 -8.59 -35.73 15.76
C GLU C 22 -8.43 -37.04 15.02
N VAL C 23 -7.20 -37.56 15.00
CA VAL C 23 -6.93 -38.84 14.35
C VAL C 23 -5.73 -39.46 15.05
N GLN C 24 -5.68 -40.79 15.04
CA GLN C 24 -4.51 -41.53 15.49
C GLN C 24 -3.83 -42.17 14.28
N ARG C 25 -2.67 -41.62 13.88
CA ARG C 25 -1.90 -42.18 12.75
C ARG C 25 -1.50 -43.62 13.04
N ASP C 26 -0.68 -43.79 14.06
CA ASP C 26 -0.45 -45.07 14.71
C ASP C 26 -1.61 -45.32 15.66
N PRO C 27 -1.71 -46.52 16.24
CA PRO C 27 -2.46 -46.64 17.50
C PRO C 27 -1.87 -45.78 18.61
N ASP C 28 -0.58 -45.42 18.51
CA ASP C 28 0.16 -44.69 19.53
C ASP C 28 0.37 -43.22 19.22
N THR C 29 0.42 -42.86 17.93
CA THR C 29 0.51 -41.45 17.55
C THR C 29 -0.87 -40.81 17.57
N TYR C 30 -0.96 -39.59 18.13
CA TYR C 30 -2.19 -38.81 18.12
C TYR C 30 -1.92 -37.40 17.60
N SER C 31 -2.88 -36.84 16.88
CA SER C 31 -2.74 -35.49 16.35
C SER C 31 -4.12 -34.85 16.29
N LYS C 32 -4.14 -33.51 16.38
CA LYS C 32 -5.36 -32.73 16.30
C LYS C 32 -5.16 -31.56 15.36
N HIS C 33 -6.03 -31.40 14.38
CA HIS C 33 -6.01 -30.25 13.49
C HIS C 33 -7.20 -29.35 13.78
N LEU C 34 -6.96 -28.04 13.89
CA LEU C 34 -8.02 -27.09 14.23
C LEU C 34 -8.47 -26.36 12.98
N PHE C 35 -9.77 -26.43 12.67
CA PHE C 35 -10.26 -25.64 11.56
C PHE C 35 -10.43 -24.18 11.96
N VAL C 36 -10.94 -23.93 13.17
CA VAL C 36 -11.11 -22.58 13.70
C VAL C 36 -10.98 -22.66 15.22
N HIS C 37 -10.51 -21.57 15.84
CA HIS C 37 -10.27 -21.57 17.28
C HIS C 37 -10.35 -20.17 17.87
N ILE C 38 -11.10 -20.02 18.96
CA ILE C 38 -10.98 -18.87 19.86
C ILE C 38 -10.36 -19.34 21.17
N GLY C 39 -9.36 -18.61 21.66
CA GLY C 39 -8.50 -19.10 22.74
C GLY C 39 -8.72 -18.61 24.17
N ALA C 44 -9.94 -14.00 33.32
CA ALA C 44 -9.41 -12.78 33.91
C ALA C 44 -9.14 -11.74 32.84
N PHE C 45 -8.42 -12.20 31.83
CA PHE C 45 -8.01 -11.33 30.73
C PHE C 45 -9.23 -10.69 30.06
N SER C 46 -9.12 -9.40 29.76
CA SER C 46 -10.23 -8.62 29.21
C SER C 46 -9.76 -7.78 28.04
N ASP C 47 -10.38 -7.97 26.88
CA ASP C 47 -10.02 -7.29 25.63
C ASP C 47 -11.26 -7.02 24.77
N PRO C 48 -12.25 -6.31 25.30
CA PRO C 48 -13.45 -6.02 24.51
C PRO C 48 -13.11 -5.34 23.20
N PRO C 49 -13.71 -5.77 22.10
CA PRO C 49 -13.29 -5.27 20.78
C PRO C 49 -13.56 -3.77 20.64
N LEU C 50 -12.57 -3.06 20.13
CA LEU C 50 -12.73 -1.67 19.75
C LEU C 50 -13.34 -1.52 18.36
N GLU C 51 -13.48 -2.63 17.63
CA GLU C 51 -13.87 -2.67 16.23
C GLU C 51 -15.35 -3.02 16.08
N ALA C 52 -16.09 -2.19 15.35
CA ALA C 52 -17.54 -2.29 15.21
C ALA C 52 -17.98 -2.55 13.76
N VAL C 53 -18.98 -3.42 13.60
CA VAL C 53 -19.69 -3.65 12.33
C VAL C 53 -21.18 -3.48 12.58
N ASP C 54 -21.87 -2.87 11.61
CA ASP C 54 -23.29 -2.59 11.73
C ASP C 54 -24.06 -3.84 11.35
N VAL C 55 -24.97 -4.24 12.24
CA VAL C 55 -25.66 -5.51 12.07
C VAL C 55 -26.39 -5.57 10.74
N ARG C 56 -26.84 -4.43 10.22
CA ARG C 56 -27.61 -4.42 8.98
C ARG C 56 -26.76 -4.77 7.77
N GLN C 57 -25.43 -4.70 7.91
CA GLN C 57 -24.46 -5.12 6.90
C GLN C 57 -24.32 -6.63 6.78
N ILE C 58 -24.68 -7.42 7.81
CA ILE C 58 -24.62 -8.87 7.67
C ILE C 58 -26.00 -9.48 7.58
N TYR C 59 -27.03 -8.67 7.41
CA TYR C 59 -28.37 -9.22 7.37
C TYR C 59 -28.50 -10.27 6.27
N ASP C 60 -28.08 -9.91 5.04
CA ASP C 60 -28.24 -10.82 3.90
C ASP C 60 -27.56 -12.18 4.13
N LYS C 61 -26.43 -12.20 4.86
CA LYS C 61 -25.63 -13.43 4.97
C LYS C 61 -26.27 -14.43 5.94
N PHE C 62 -27.13 -13.97 6.82
CA PHE C 62 -27.91 -14.88 7.66
C PHE C 62 -29.36 -14.76 7.22
N PRO C 63 -29.91 -15.78 6.55
CA PRO C 63 -31.26 -15.65 5.97
C PRO C 63 -32.30 -15.29 7.02
N GLU C 64 -33.06 -14.25 6.69
CA GLU C 64 -33.84 -13.50 7.65
C GLU C 64 -35.26 -14.01 7.70
N LYS C 65 -35.74 -14.26 8.90
CA LYS C 65 -37.09 -14.72 9.13
C LYS C 65 -37.38 -14.49 10.61
N LYS C 66 -38.47 -15.04 11.10
CA LYS C 66 -38.73 -14.96 12.51
C LYS C 66 -37.72 -15.83 13.26
N GLY C 67 -37.20 -15.31 14.37
CA GLY C 67 -36.10 -15.98 15.03
C GLY C 67 -34.77 -15.75 14.36
N GLY C 68 -34.71 -14.82 13.39
CA GLY C 68 -33.47 -14.48 12.75
C GLY C 68 -32.69 -13.44 13.51
N LEU C 69 -31.56 -13.04 12.94
CA LEU C 69 -30.68 -12.11 13.62
C LEU C 69 -31.33 -10.74 13.78
N LYS C 70 -32.04 -10.26 12.76
CA LYS C 70 -32.66 -8.94 12.88
C LYS C 70 -33.61 -8.90 14.06
N GLU C 71 -34.47 -9.91 14.18
CA GLU C 71 -35.42 -9.95 15.29
C GLU C 71 -34.68 -10.10 16.61
N LEU C 72 -33.70 -11.02 16.67
CA LEU C 72 -32.95 -11.17 17.91
C LEU C 72 -32.24 -9.88 18.31
N TYR C 73 -31.61 -9.22 17.34
CA TYR C 73 -30.90 -8.00 17.65
C TYR C 73 -31.86 -6.91 18.11
N GLU C 74 -33.04 -6.87 17.51
CA GLU C 74 -34.06 -5.91 17.95
C GLU C 74 -34.57 -6.24 19.35
N LYS C 75 -34.57 -7.52 19.76
CA LYS C 75 -34.96 -7.83 21.13
C LYS C 75 -33.95 -7.29 22.10
N GLY C 76 -32.71 -7.18 21.68
CA GLY C 76 -31.63 -6.89 22.58
C GLY C 76 -31.33 -8.12 23.41
N PRO C 77 -30.44 -7.98 24.37
CA PRO C 77 -29.67 -6.78 24.69
C PRO C 77 -28.50 -6.63 23.73
N PRO C 78 -28.44 -5.48 23.07
CA PRO C 78 -27.49 -5.31 21.95
C PRO C 78 -26.04 -5.58 22.31
N ASN C 79 -25.66 -5.46 23.58
CA ASN C 79 -24.29 -5.67 24.01
C ASN C 79 -23.91 -7.12 24.01
N ALA C 80 -24.80 -8.01 23.63
CA ALA C 80 -24.47 -9.42 23.58
C ALA C 80 -24.25 -9.91 22.15
N PHE C 81 -24.14 -9.01 21.18
CA PHE C 81 -24.09 -9.42 19.78
C PHE C 81 -22.69 -9.21 19.22
N PHE C 82 -22.13 -10.30 18.66
CA PHE C 82 -20.75 -10.32 18.19
C PHE C 82 -20.65 -11.02 16.85
N LEU C 83 -19.94 -10.40 15.92
CA LEU C 83 -19.57 -11.03 14.65
C LEU C 83 -18.14 -11.55 14.74
N VAL C 84 -17.93 -12.79 14.32
CA VAL C 84 -16.59 -13.35 14.15
C VAL C 84 -16.41 -13.73 12.70
N LYS C 85 -15.30 -13.28 12.10
CA LYS C 85 -14.89 -13.77 10.80
C LYS C 85 -13.75 -14.74 10.99
N PHE C 86 -13.95 -15.98 10.57
CA PHE C 86 -12.92 -17.01 10.64
C PHE C 86 -12.23 -17.15 9.29
N TRP C 87 -10.89 -17.10 9.27
CA TRP C 87 -10.06 -17.65 8.19
C TRP C 87 -9.60 -19.04 8.62
N ALA C 88 -10.12 -20.07 7.98
CA ALA C 88 -10.01 -21.41 8.51
C ALA C 88 -8.93 -22.19 7.80
N ASP C 89 -8.16 -22.92 8.57
CA ASP C 89 -7.24 -23.91 8.04
C ASP C 89 -8.04 -25.13 7.60
N LEU C 90 -8.11 -25.38 6.29
CA LEU C 90 -8.74 -26.58 5.78
C LEU C 90 -7.74 -27.66 5.41
N ASN C 91 -6.44 -27.43 5.63
CA ASN C 91 -5.40 -28.39 5.26
C ASN C 91 -5.19 -29.43 6.36
N SER C 92 -6.28 -30.10 6.74
CA SER C 92 -6.19 -31.20 7.70
C SER C 92 -5.18 -32.23 7.24
N THR C 93 -5.15 -32.51 5.93
CA THR C 93 -4.16 -33.38 5.28
C THR C 93 -4.06 -34.75 5.93
N ILE C 94 -5.05 -35.11 6.76
CA ILE C 94 -4.95 -36.33 7.55
C ILE C 94 -4.95 -37.58 6.68
N GLN C 95 -5.42 -37.44 5.43
CA GLN C 95 -5.87 -38.54 4.57
C GLN C 95 -7.12 -39.20 5.13
N GLU C 96 -7.74 -38.60 6.15
CA GLU C 96 -8.99 -39.07 6.72
C GLU C 96 -8.90 -40.54 7.11
N GLY C 97 -7.72 -40.95 7.58
CA GLY C 97 -7.50 -42.30 8.03
C GLY C 97 -8.58 -42.72 9.01
N PRO C 98 -9.03 -43.98 8.92
CA PRO C 98 -10.00 -44.47 9.91
C PRO C 98 -9.51 -44.20 11.32
N GLY C 99 -10.46 -43.99 12.24
CA GLY C 99 -10.14 -43.57 13.59
C GLY C 99 -10.24 -42.08 13.82
N ALA C 100 -10.50 -41.30 12.78
CA ALA C 100 -10.71 -39.87 12.93
C ALA C 100 -12.03 -39.58 13.67
N PHE C 101 -12.03 -38.50 14.42
CA PHE C 101 -13.22 -37.97 15.05
C PHE C 101 -13.31 -36.49 14.75
N TYR C 102 -14.49 -36.03 14.34
CA TYR C 102 -14.71 -34.65 13.95
C TYR C 102 -15.50 -34.00 15.08
N GLY C 103 -14.94 -32.96 15.69
CA GLY C 103 -15.43 -32.47 16.96
C GLY C 103 -15.61 -30.98 16.96
N VAL C 104 -16.31 -30.50 18.00
CA VAL C 104 -16.41 -29.09 18.33
C VAL C 104 -16.42 -28.98 19.85
N SER C 105 -15.72 -27.98 20.38
CA SER C 105 -15.72 -27.69 21.81
C SER C 105 -15.85 -26.20 22.07
N SER C 106 -16.79 -25.84 22.95
CA SER C 106 -16.98 -24.47 23.41
C SER C 106 -17.00 -24.45 24.94
N GLN C 107 -16.62 -23.31 25.52
CA GLN C 107 -16.71 -23.13 26.97
C GLN C 107 -17.05 -21.68 27.30
N TYR C 108 -17.78 -21.50 28.39
CA TYR C 108 -18.33 -20.20 28.77
C TYR C 108 -18.17 -20.01 30.27
N SER C 109 -18.14 -18.75 30.69
CA SER C 109 -18.09 -18.41 32.11
C SER C 109 -19.11 -17.31 32.41
N SER C 110 -19.50 -17.22 33.68
CA SER C 110 -20.51 -16.28 34.12
C SER C 110 -20.24 -15.95 35.59
N ALA C 111 -20.82 -14.85 36.06
CA ALA C 111 -20.82 -14.57 37.48
C ALA C 111 -22.01 -15.19 38.18
N ASP C 112 -23.08 -15.39 37.44
CA ASP C 112 -24.28 -16.05 37.94
C ASP C 112 -24.26 -17.53 37.56
N SER C 113 -24.98 -18.31 38.35
CA SER C 113 -25.37 -19.65 37.95
C SER C 113 -26.72 -19.58 37.28
N MET C 114 -26.86 -20.31 36.19
CA MET C 114 -28.11 -20.48 35.47
C MET C 114 -27.92 -21.68 34.57
N THR C 115 -29.00 -22.09 33.91
CA THR C 115 -28.92 -23.20 32.97
C THR C 115 -29.14 -22.64 31.58
N ILE C 116 -28.14 -22.83 30.71
CA ILE C 116 -28.11 -22.13 29.43
C ILE C 116 -28.52 -23.11 28.33
N SER C 117 -29.24 -22.60 27.32
CA SER C 117 -29.46 -23.27 26.05
C SER C 117 -28.60 -22.60 24.98
N VAL C 118 -27.79 -23.41 24.28
CA VAL C 118 -26.83 -22.93 23.27
C VAL C 118 -27.30 -23.45 21.91
N SER C 119 -28.01 -22.60 21.16
CA SER C 119 -28.44 -22.94 19.81
C SER C 119 -27.36 -22.60 18.78
N THR C 120 -27.01 -23.60 18.01
CA THR C 120 -26.03 -23.50 16.95
C THR C 120 -26.76 -23.78 15.64
N LYS C 121 -26.99 -22.75 14.84
CA LYS C 121 -27.72 -22.89 13.57
C LYS C 121 -26.76 -22.70 12.39
N VAL C 122 -26.60 -23.74 11.60
CA VAL C 122 -25.75 -23.73 10.42
C VAL C 122 -26.63 -23.48 9.20
N CYS C 123 -26.48 -22.33 8.55
CA CYS C 123 -27.12 -22.08 7.26
C CYS C 123 -26.09 -22.16 6.16
N SER C 124 -26.37 -22.97 5.14
CA SER C 124 -25.55 -22.97 3.94
C SER C 124 -26.47 -22.86 2.74
N PHE C 125 -26.20 -21.86 1.89
CA PHE C 125 -26.94 -21.67 0.65
C PHE C 125 -28.44 -21.55 0.92
N GLY C 126 -28.78 -20.69 1.88
CA GLY C 126 -30.16 -20.42 2.20
C GLY C 126 -30.93 -21.59 2.75
N LYS C 127 -30.25 -22.61 3.26
CA LYS C 127 -30.91 -23.71 3.96
C LYS C 127 -30.21 -23.91 5.30
N GLN C 128 -31.00 -23.91 6.37
CA GLN C 128 -30.47 -24.18 7.69
C GLN C 128 -30.21 -25.68 7.73
N VAL C 129 -28.96 -26.07 7.47
CA VAL C 129 -28.68 -27.50 7.42
C VAL C 129 -28.70 -28.12 8.80
N VAL C 130 -28.51 -27.34 9.85
CA VAL C 130 -28.28 -27.89 11.19
C VAL C 130 -28.85 -26.99 12.28
N GLU C 131 -29.75 -27.51 13.09
CA GLU C 131 -30.03 -26.90 14.38
C GLU C 131 -29.58 -27.89 15.46
N LYS C 132 -28.63 -27.46 16.27
CA LYS C 132 -28.18 -28.20 17.43
C LYS C 132 -28.46 -27.37 18.66
N VAL C 133 -29.14 -27.97 19.64
CA VAL C 133 -29.47 -27.29 20.88
C VAL C 133 -28.96 -28.13 22.04
N GLU C 134 -27.95 -27.60 22.73
CA GLU C 134 -27.36 -28.22 23.91
C GLU C 134 -27.85 -27.47 25.15
N THR C 135 -27.69 -28.09 26.32
CA THR C 135 -28.07 -27.49 27.60
C THR C 135 -26.95 -27.76 28.60
N GLU C 136 -26.42 -26.71 29.22
CA GLU C 136 -25.31 -26.89 30.15
C GLU C 136 -25.57 -26.22 31.49
N TYR C 137 -25.38 -26.99 32.55
CA TYR C 137 -25.53 -26.51 33.91
C TYR C 137 -24.21 -25.91 34.38
N ALA C 138 -24.32 -24.94 35.28
CA ALA C 138 -23.16 -24.27 35.86
C ALA C 138 -22.33 -25.21 36.73
N ARG C 139 -21.02 -25.18 36.53
CA ARG C 139 -20.09 -25.75 37.50
C ARG C 139 -19.20 -24.62 37.99
N LEU C 140 -19.31 -24.31 39.28
CA LEU C 140 -18.46 -23.28 39.90
C LEU C 140 -17.03 -23.78 39.97
N GLU C 141 -16.12 -22.97 39.43
CA GLU C 141 -14.70 -23.27 39.35
C GLU C 141 -13.91 -21.98 39.52
N ASN C 142 -12.96 -22.00 40.46
CA ASN C 142 -12.08 -20.85 40.70
C ASN C 142 -12.88 -19.54 40.78
N GLY C 143 -14.00 -19.58 41.52
CA GLY C 143 -14.76 -18.39 41.80
C GLY C 143 -15.50 -17.82 40.63
N ARG C 144 -15.38 -18.45 39.48
CA ARG C 144 -16.24 -18.24 38.32
C ARG C 144 -17.22 -19.40 38.25
N PHE C 145 -18.31 -19.19 37.51
CA PHE C 145 -19.22 -20.25 37.11
C PHE C 145 -18.88 -20.63 35.68
N VAL C 146 -18.78 -21.92 35.40
CA VAL C 146 -18.24 -22.37 34.11
C VAL C 146 -19.18 -23.39 33.47
N TYR C 147 -19.54 -23.11 32.21
CA TYR C 147 -20.31 -24.00 31.36
C TYR C 147 -19.40 -24.50 30.26
N ARG C 148 -19.44 -25.81 29.99
CA ARG C 148 -18.46 -26.45 29.12
C ARG C 148 -19.15 -27.52 28.28
N ILE C 149 -18.98 -27.44 26.96
CA ILE C 149 -19.47 -28.44 26.02
C ILE C 149 -18.24 -29.04 25.36
N HIS C 150 -17.96 -30.29 25.69
CA HIS C 150 -16.73 -30.97 25.32
C HIS C 150 -17.00 -31.96 24.20
N ARG C 151 -16.13 -31.97 23.18
CA ARG C 151 -16.14 -32.98 22.12
C ARG C 151 -17.55 -33.29 21.61
N SER C 152 -18.29 -32.26 21.23
CA SER C 152 -19.54 -32.53 20.55
C SER C 152 -19.24 -33.01 19.13
N PRO C 153 -19.85 -34.11 18.68
CA PRO C 153 -19.54 -34.61 17.35
C PRO C 153 -20.04 -33.65 16.29
N MET C 154 -19.27 -33.53 15.22
CA MET C 154 -19.65 -32.67 14.15
C MET C 154 -20.61 -33.44 13.30
N CYS C 155 -21.73 -32.82 13.01
CA CYS C 155 -22.77 -33.46 12.21
C CYS C 155 -22.20 -33.87 10.85
N GLU C 156 -22.83 -34.86 10.23
CA GLU C 156 -22.29 -35.43 9.01
C GLU C 156 -22.36 -34.47 7.83
N TYR C 157 -23.23 -33.47 7.88
CA TYR C 157 -23.22 -32.49 6.81
C TYR C 157 -21.89 -31.76 6.77
N MET C 158 -21.33 -31.44 7.95
CA MET C 158 -20.11 -30.65 8.01
C MET C 158 -18.88 -31.48 7.65
N ILE C 159 -18.84 -32.76 8.04
CA ILE C 159 -17.78 -33.60 7.53
C ILE C 159 -17.81 -33.63 6.01
N ASN C 160 -19.02 -33.61 5.43
CA ASN C 160 -19.13 -33.62 3.97
C ASN C 160 -18.80 -32.25 3.38
N PHE C 161 -19.32 -31.18 3.98
CA PHE C 161 -19.06 -29.83 3.47
C PHE C 161 -17.57 -29.55 3.45
N ILE C 162 -16.85 -30.04 4.46
CA ILE C 162 -15.43 -29.76 4.62
C ILE C 162 -14.62 -30.44 3.52
N HIS C 163 -14.93 -31.70 3.23
CA HIS C 163 -14.16 -32.42 2.22
C HIS C 163 -14.54 -31.95 0.82
N LYS C 164 -15.81 -31.66 0.59
CA LYS C 164 -16.19 -30.99 -0.65
C LYS C 164 -15.37 -29.71 -0.85
N LEU C 165 -15.19 -28.94 0.22
CA LEU C 165 -14.25 -27.81 0.14
C LEU C 165 -12.87 -28.26 -0.29
N LYS C 166 -12.37 -29.35 0.30
CA LYS C 166 -11.00 -29.77 0.05
C LYS C 166 -10.80 -30.35 -1.35
N HIS C 167 -11.85 -30.86 -2.00
CA HIS C 167 -11.73 -31.36 -3.37
C HIS C 167 -11.61 -30.25 -4.40
N LEU C 168 -11.97 -29.02 -4.04
CA LEU C 168 -11.85 -27.91 -4.99
C LEU C 168 -10.39 -27.70 -5.35
N PRO C 169 -10.09 -27.37 -6.63
CA PRO C 169 -8.70 -27.15 -7.04
C PRO C 169 -8.06 -25.85 -6.57
N GLU C 170 -8.80 -24.81 -6.20
CA GLU C 170 -8.19 -23.54 -5.83
C GLU C 170 -8.90 -22.93 -4.63
N LYS C 171 -8.14 -22.16 -3.86
CA LYS C 171 -8.68 -21.61 -2.62
C LYS C 171 -9.82 -20.64 -2.90
N TYR C 172 -9.73 -19.86 -3.98
CA TYR C 172 -10.74 -18.83 -4.20
C TYR C 172 -12.12 -19.47 -4.38
N MET C 173 -12.15 -20.65 -5.00
CA MET C 173 -13.42 -21.37 -5.17
C MET C 173 -14.03 -21.71 -3.83
N MET C 174 -13.23 -22.25 -2.89
CA MET C 174 -13.68 -22.51 -1.53
C MET C 174 -14.28 -21.25 -0.92
N ASN C 175 -13.66 -20.09 -1.21
CA ASN C 175 -14.20 -18.83 -0.73
C ASN C 175 -15.59 -18.55 -1.35
N SER C 176 -15.77 -18.79 -2.66
CA SER C 176 -17.10 -18.58 -3.26
C SER C 176 -18.17 -19.46 -2.62
N VAL C 177 -17.82 -20.69 -2.26
CA VAL C 177 -18.75 -21.52 -1.51
C VAL C 177 -18.98 -20.91 -0.12
N LEU C 178 -17.88 -20.56 0.56
CA LEU C 178 -17.95 -20.24 1.98
C LEU C 178 -18.68 -18.92 2.24
N GLU C 179 -18.89 -18.11 1.20
CA GLU C 179 -19.73 -16.92 1.36
C GLU C 179 -21.15 -17.32 1.70
N ASN C 180 -21.57 -18.51 1.28
CA ASN C 180 -22.96 -18.95 1.50
C ASN C 180 -23.11 -19.66 2.83
N PHE C 181 -21.98 -19.94 3.47
CA PHE C 181 -21.92 -20.65 4.73
C PHE C 181 -21.83 -19.67 5.89
N THR C 182 -22.63 -19.89 6.92
CA THR C 182 -22.71 -19.01 8.08
C THR C 182 -23.18 -19.83 9.28
N ILE C 183 -22.65 -19.50 10.45
CA ILE C 183 -23.09 -20.17 11.66
C ILE C 183 -23.55 -19.12 12.66
N LEU C 184 -24.73 -19.34 13.23
CA LEU C 184 -25.30 -18.45 14.23
C LEU C 184 -25.47 -19.19 15.54
N GLN C 185 -24.85 -18.65 16.60
CA GLN C 185 -24.89 -19.25 17.93
C GLN C 185 -25.59 -18.31 18.91
N VAL C 186 -26.78 -18.74 19.36
CA VAL C 186 -27.63 -17.99 20.31
C VAL C 186 -27.69 -18.75 21.62
N VAL C 187 -27.14 -18.16 22.69
CA VAL C 187 -27.09 -18.73 24.04
C VAL C 187 -28.13 -18.01 24.91
N THR C 188 -29.14 -18.74 25.40
CA THR C 188 -30.20 -18.13 26.21
C THR C 188 -30.33 -18.83 27.56
N SER C 189 -30.74 -18.08 28.57
CA SER C 189 -31.07 -18.68 29.86
C SER C 189 -32.33 -19.52 29.72
N ARG C 190 -32.23 -20.84 29.99
CA ARG C 190 -33.43 -21.68 29.93
C ARG C 190 -34.51 -21.13 30.83
N ASP C 191 -34.12 -20.57 31.97
CA ASP C 191 -35.08 -20.05 32.93
C ASP C 191 -35.70 -18.74 32.45
N SER C 192 -34.88 -17.82 31.96
CA SER C 192 -35.40 -16.50 31.61
C SER C 192 -35.88 -16.42 30.17
N GLN C 193 -35.42 -17.32 29.29
CA GLN C 193 -35.48 -17.19 27.82
C GLN C 193 -34.69 -15.97 27.32
N GLU C 194 -34.00 -15.29 28.24
CA GLU C 194 -33.16 -14.12 27.97
C GLU C 194 -31.93 -14.49 27.15
N THR C 195 -31.64 -13.61 26.19
CA THR C 195 -30.47 -13.74 25.32
C THR C 195 -29.21 -13.40 26.12
N LEU C 196 -28.42 -14.42 26.40
CA LEU C 196 -27.15 -14.16 27.05
C LEU C 196 -26.11 -13.76 26.01
N LEU C 197 -26.02 -14.49 24.91
CA LEU C 197 -24.96 -14.18 23.97
C LEU C 197 -25.36 -14.65 22.57
N VAL C 198 -24.97 -13.85 21.57
CA VAL C 198 -25.14 -14.16 20.15
C VAL C 198 -23.80 -14.00 19.46
N ILE C 199 -23.41 -15.01 18.69
CA ILE C 199 -22.24 -14.91 17.81
C ILE C 199 -22.67 -15.30 16.40
N ALA C 200 -22.51 -14.35 15.47
CA ALA C 200 -22.63 -14.60 14.03
C ALA C 200 -21.26 -14.89 13.46
N PHE C 201 -21.12 -16.02 12.75
CA PHE C 201 -19.85 -16.42 12.13
C PHE C 201 -19.95 -16.37 10.61
N VAL C 202 -18.99 -15.71 9.96
CA VAL C 202 -18.80 -15.77 8.51
C VAL C 202 -17.39 -16.33 8.24
N PHE C 203 -17.25 -17.09 7.15
CA PHE C 203 -16.04 -17.87 6.93
C PHE C 203 -15.38 -17.60 5.59
N GLU C 204 -14.05 -17.59 5.61
CA GLU C 204 -13.22 -17.65 4.43
C GLU C 204 -12.15 -18.69 4.70
N VAL C 205 -11.48 -19.15 3.65
CA VAL C 205 -10.36 -20.04 3.82
C VAL C 205 -9.10 -19.22 4.09
N SER C 206 -8.25 -19.68 5.01
CA SER C 206 -6.97 -19.03 5.22
C SER C 206 -6.03 -19.36 4.08
N THR C 207 -5.18 -18.40 3.74
CA THR C 207 -4.09 -18.64 2.79
C THR C 207 -2.83 -18.81 3.62
N SER C 208 -2.22 -20.01 3.54
CA SER C 208 -1.09 -20.40 4.37
C SER C 208 -0.65 -21.80 4.01
N GLY C 211 -1.76 -21.74 8.63
CA GLY C 211 -2.23 -20.91 9.73
C GLY C 211 -3.70 -20.52 9.62
N ALA C 212 -4.37 -20.36 10.76
CA ALA C 212 -5.77 -19.93 10.79
C ALA C 212 -5.90 -18.70 11.67
N GLN C 213 -6.68 -17.71 11.22
CA GLN C 213 -6.89 -16.45 11.95
C GLN C 213 -8.37 -16.09 12.03
N HIS C 214 -8.70 -15.14 12.92
CA HIS C 214 -10.10 -14.75 13.07
C HIS C 214 -10.29 -13.27 13.35
N HIS C 215 -11.50 -12.77 13.13
CA HIS C 215 -11.81 -11.38 13.39
C HIS C 215 -12.91 -11.25 14.42
N VAL C 216 -12.69 -10.42 15.43
CA VAL C 216 -13.70 -10.21 16.45
C VAL C 216 -14.30 -8.81 16.34
N TYR C 217 -15.57 -8.73 15.95
CA TYR C 217 -16.22 -7.42 15.88
C TYR C 217 -17.39 -7.43 16.85
N LYS C 218 -17.89 -6.26 17.20
CA LYS C 218 -19.09 -6.12 18.01
C LYS C 218 -20.20 -5.54 17.15
N LEU C 219 -21.39 -6.13 17.20
CA LEU C 219 -22.46 -5.71 16.30
C LEU C 219 -23.15 -4.46 16.85
N VAL C 220 -23.32 -3.47 15.99
CA VAL C 220 -23.85 -2.15 16.33
C VAL C 220 -24.92 -1.80 15.31
N LYS C 221 -25.74 -0.82 15.65
CA LYS C 221 -26.87 -0.41 14.81
C LYS C 221 -27.02 1.10 14.93
N ASP C 222 -26.05 1.81 14.37
CA ASP C 222 -26.00 3.27 14.47
C ASP C 222 -26.38 3.95 13.16
N1 A1L3K D . 11.99 10.01 -24.42
C4 A1L3K D . 13.64 8.25 -25.35
C5 A1L3K D . 14.77 9.20 -24.94
C6 A1L3K D . 16.12 8.87 -25.20
C7 A1L3K D . 17.15 9.74 -24.85
C8 A1L3K D . 16.85 10.91 -24.19
C10 A1L3K D . 16.62 7.67 -25.97
C13 A1L3K D . 17.58 5.67 -27.64
C15 A1L3K D . 17.16 6.52 -25.41
C17 A1L3K D . 10.62 10.11 -24.01
C20 A1L3K D . 8.34 11.85 -21.52
C21 A1L3K D . 8.47 12.14 -25.01
C22 A1L3K D . 7.75 12.55 -26.14
C24 A1L3K D . 5.76 11.59 -25.19
C1 A1L3K D . 14.47 10.35 -24.28
C11 A1L3K D . 16.60 7.81 -27.35
C12 A1L3K D . 17.06 6.83 -28.19
C14 A1L3K D . 17.63 5.53 -26.26
C16 A1L3K D . 18.09 4.59 -28.57
C18 A1L3K D . 8.66 10.99 -22.75
C19 A1L3K D . 7.84 11.45 -23.97
C2 A1L3K D . 13.05 10.83 -23.91
C23 A1L3K D . 6.40 12.28 -26.22
C25 A1L3K D . 6.48 11.18 -24.07
C3 A1L3K D . 12.32 9.01 -25.44
C9 A1L3K D . 15.53 11.20 -23.92
F1 A1L3K D . 17.04 3.86 -29.03
F2 A1L3K D . 18.67 5.16 -29.67
F3 A1L3K D . 18.97 3.78 -27.90
N2 A1L3K D . 10.10 11.05 -23.04
O1 A1L3K D . 9.84 9.37 -24.51
N1 A1L3K E . 8.37 7.34 8.51
C4 A1L3K E . 8.61 4.89 8.83
C5 A1L3K E . 7.15 4.73 8.38
C6 A1L3K E . 6.51 3.48 8.47
C7 A1L3K E . 5.19 3.34 8.08
C8 A1L3K E . 4.51 4.44 7.60
C10 A1L3K E . 7.19 2.23 9.02
C13 A1L3K E . 8.25 -0.03 10.22
C15 A1L3K E . 8.16 1.50 8.35
C17 A1L3K E . 9.23 8.48 8.30
C20 A1L3K E . 8.93 11.58 6.08
C21 A1L3K E . 8.83 11.51 9.33
C22 A1L3K E . 9.04 12.14 10.55
C24 A1L3K E . 11.33 12.52 9.94
C1 A1L3K E . 6.48 5.80 7.92
C11 A1L3K E . 6.75 1.82 10.27
C12 A1L3K E . 7.28 0.69 10.88
C14 A1L3K E . 8.68 0.36 8.96
C16 A1L3K E . 8.80 -1.27 10.91
C18 A1L3K E . 9.64 10.67 7.08
C19 A1L3K E . 9.86 11.38 8.41
C2 A1L3K E . 7.12 7.19 7.79
C23 A1L3K E . 10.28 12.65 10.86
C25 A1L3K E . 11.12 11.89 8.73
C3 A1L3K E . 8.75 6.29 9.45
C9 A1L3K E . 5.13 5.67 7.51
F1 A1L3K E . 8.68 -1.13 12.27
F2 A1L3K E . 8.11 -2.35 10.47
F3 A1L3K E . 10.12 -1.47 10.62
N2 A1L3K E . 8.83 9.49 7.34
O1 A1L3K E . 10.25 8.57 8.91
N1 A1L3K F . -21.49 -27.73 13.88
C4 A1L3K F . -20.15 -26.59 11.98
C5 A1L3K F . -19.26 -26.07 13.15
C6 A1L3K F . -17.92 -25.60 12.97
C7 A1L3K F . -17.23 -25.16 14.08
C8 A1L3K F . -17.73 -25.16 15.37
C10 A1L3K F . -17.18 -25.49 11.64
C13 A1L3K F . -15.82 -25.06 9.24
C15 A1L3K F . -16.61 -26.57 10.97
C17 A1L3K F . -21.95 -28.95 14.53
C20 A1L3K F . -22.81 -29.10 18.30
C21 A1L3K F . -24.51 -30.37 15.49
C22 A1L3K F . -25.54 -31.21 15.09
C24 A1L3K F . -24.91 -32.78 16.80
C1 A1L3K F . -19.77 -26.08 14.40
C11 A1L3K F . -17.04 -24.22 11.10
C12 A1L3K F . -16.37 -23.98 9.92
C14 A1L3K F . -15.94 -26.34 9.77
C16 A1L3K F . -15.08 -24.84 7.91
C18 A1L3K F . -22.49 -29.83 16.99
C19 A1L3K F . -23.67 -30.72 16.55
C2 A1L3K F . -21.18 -26.56 14.66
C23 A1L3K F . -25.75 -32.41 15.76
C25 A1L3K F . -23.88 -31.93 17.20
C3 A1L3K F . -21.30 -27.57 12.45
C9 A1L3K F . -19.02 -25.62 15.53
F1 A1L3K F . -15.72 -23.89 7.18
F2 A1L3K F . -13.79 -24.48 8.16
F3 A1L3K F . -15.13 -26.00 7.20
N2 A1L3K F . -22.08 -28.84 15.99
O1 A1L3K F . -22.22 -29.92 13.90
#